data_5S82
#
_entry.id   5S82
#
_cell.length_a   129.315
_cell.length_b   84.481
_cell.length_c   90.566
_cell.angle_alpha   90.000
_cell.angle_beta   131.910
_cell.angle_gamma   90.000
#
_symmetry.space_group_name_H-M   'C 1 2 1'
#
loop_
_entity.id
_entity.type
_entity.pdbx_description
1 polymer 'Activin receptor type-1'
2 non-polymer 4-methyl-3-[4-(1-methylpiperidin-4-yl)phenyl]-5-(3,4,5-trimethoxyphenyl)pyridine
3 non-polymer 1,2-ETHANEDIOL
4 non-polymer 'DIMETHYL SULFOXIDE'
5 non-polymer 'SULFATE ION'
6 non-polymer 'LACTIC ACID'
7 water water
#
_entity_poly.entity_id   1
_entity_poly.type   'polypeptide(L)'
_entity_poly.pdbx_seq_one_letter_code
;SMQRTVARDITLLECVGKGRYGEVWRGSWQGENVAVKIFSSRDEKSWFRETELYNTVMLRHENILGFIASDMTSRHSSTQ
LWLITHYHEMGSLYDYLQLTTLDTVSCLRIVLSIASGLAHLHIEIFGTQGKPAIAHRDLKSKNILVKKNGQCCIADLGLA
VMHSQSTNQLDVGNNPRVGTKRYMAPEVLDETIQVDCFDSYKRVDIWAFGLVLWEVARRMVSNGIVEDYKPPFYDVVPND
PSFEDMRKVVCVDQQRPNIPNRWFSDPTLTSLAKLMKECWYQNPSARLTALRIKKTLTKID
;
_entity_poly.pdbx_strand_id   A,B
#
loop_
_chem_comp.id
_chem_comp.type
_chem_comp.name
_chem_comp.formula
DMS non-polymer 'DIMETHYL SULFOXIDE' 'C2 H6 O S'
EDO non-polymer 1,2-ETHANEDIOL 'C2 H6 O2'
LAC non-polymer 'LACTIC ACID' 'C3 H6 O3'
LU8 non-polymer 4-methyl-3-[4-(1-methylpiperidin-4-yl)phenyl]-5-(3,4,5-trimethoxyphenyl)pyridine 'C27 H32 N2 O3'
SO4 non-polymer 'SULFATE ION' 'O4 S -2'
#
# COMPACT_ATOMS: atom_id res chain seq x y z
N ARG A 4 -4.74 -16.58 38.96
CA ARG A 4 -5.68 -16.80 37.81
C ARG A 4 -5.33 -18.13 37.12
N THR A 5 -6.35 -18.78 36.54
CA THR A 5 -6.24 -20.06 35.79
C THR A 5 -5.90 -19.72 34.34
N VAL A 6 -5.04 -20.54 33.72
CA VAL A 6 -4.69 -20.49 32.27
C VAL A 6 -5.28 -21.75 31.63
N ALA A 7 -6.46 -21.62 31.03
CA ALA A 7 -7.18 -22.70 30.32
C ALA A 7 -6.32 -23.10 29.12
N ARG A 8 -5.62 -24.23 29.22
CA ARG A 8 -4.76 -24.79 28.14
C ARG A 8 -5.37 -26.09 27.59
N ASP A 9 -6.56 -26.48 28.08
CA ASP A 9 -7.29 -27.68 27.60
C ASP A 9 -7.80 -27.38 26.20
N ILE A 10 -7.10 -27.91 25.18
CA ILE A 10 -7.54 -27.94 23.75
C ILE A 10 -8.02 -29.36 23.50
N THR A 11 -9.29 -29.53 23.17
CA THR A 11 -9.91 -30.85 22.87
C THR A 11 -9.77 -31.11 21.36
N LEU A 12 -9.22 -32.27 20.99
CA LEU A 12 -9.06 -32.72 19.60
C LEU A 12 -10.30 -33.53 19.22
N LEU A 13 -11.08 -33.08 18.24
CA LEU A 13 -12.45 -33.60 17.99
C LEU A 13 -12.44 -34.51 16.76
N GLU A 14 -11.85 -34.07 15.65
CA GLU A 14 -11.76 -34.92 14.43
C GLU A 14 -10.54 -34.52 13.59
N CYS A 15 -9.89 -35.53 13.02
CA CYS A 15 -8.71 -35.36 12.12
C CYS A 15 -9.23 -34.95 10.74
N VAL A 16 -8.77 -33.80 10.22
CA VAL A 16 -9.22 -33.25 8.92
C VAL A 16 -8.08 -33.36 7.90
N GLY A 17 -6.94 -33.94 8.27
CA GLY A 17 -5.80 -34.15 7.35
C GLY A 17 -4.68 -34.97 7.98
N LYS A 18 -4.12 -35.91 7.22
CA LYS A 18 -2.90 -36.70 7.56
C LYS A 18 -1.98 -36.66 6.33
N GLY A 19 -0.67 -36.69 6.55
CA GLY A 19 0.34 -36.61 5.48
C GLY A 19 1.73 -36.67 6.06
N ARG A 20 2.75 -36.45 5.24
CA ARG A 20 4.18 -36.52 5.63
C ARG A 20 4.44 -35.44 6.69
N TYR A 21 3.67 -34.34 6.69
CA TYR A 21 3.78 -33.17 7.61
C TYR A 21 3.35 -33.55 9.04
N GLY A 22 2.49 -34.57 9.16
CA GLY A 22 1.83 -34.96 10.42
C GLY A 22 0.33 -35.03 10.23
N GLU A 23 -0.42 -34.31 11.06
CA GLU A 23 -1.90 -34.37 11.05
C GLU A 23 -2.46 -32.98 11.38
N VAL A 24 -3.63 -32.66 10.83
CA VAL A 24 -4.41 -31.48 11.27
C VAL A 24 -5.73 -31.98 11.85
N TRP A 25 -6.12 -31.39 12.98
CA TRP A 25 -7.30 -31.76 13.78
C TRP A 25 -8.15 -30.51 13.90
N ARG A 26 -9.46 -30.66 13.67
CA ARG A 26 -10.47 -29.73 14.24
C ARG A 26 -10.40 -29.95 15.76
N GLY A 27 -10.21 -28.88 16.52
CA GLY A 27 -10.19 -28.94 17.98
C GLY A 27 -11.09 -27.89 18.58
N SER A 28 -11.15 -27.87 19.91
CA SER A 28 -11.94 -26.90 20.69
C SER A 28 -11.07 -26.33 21.80
N TRP A 29 -11.08 -25.01 21.93
CA TRP A 29 -10.50 -24.28 23.07
C TRP A 29 -11.54 -23.28 23.56
N GLN A 30 -12.10 -23.52 24.76
CA GLN A 30 -13.06 -22.61 25.46
C GLN A 30 -14.24 -22.32 24.54
N GLY A 31 -14.99 -23.37 24.14
CA GLY A 31 -16.08 -23.27 23.16
C GLY A 31 -15.60 -23.20 21.71
N GLU A 32 -14.69 -22.24 21.40
CA GLU A 32 -14.21 -21.83 20.03
C GLU A 32 -13.58 -23.01 19.28
N ASN A 33 -13.78 -23.06 17.96
CA ASN A 33 -13.12 -24.04 17.07
C ASN A 33 -11.70 -23.54 16.76
N VAL A 34 -10.75 -24.45 16.82
CA VAL A 34 -9.33 -24.16 16.47
C VAL A 34 -8.89 -25.29 15.56
N ALA A 35 -7.89 -25.03 14.75
CA ALA A 35 -7.19 -26.08 13.99
C ALA A 35 -5.86 -26.34 14.68
N VAL A 36 -5.53 -27.61 14.89
CA VAL A 36 -4.28 -28.06 15.57
C VAL A 36 -3.49 -28.89 14.58
N LYS A 37 -2.29 -28.43 14.22
CA LYS A 37 -1.33 -29.20 13.41
C LYS A 37 -0.32 -29.83 14.36
N ILE A 38 -0.26 -31.17 14.36
CA ILE A 38 0.72 -32.01 15.10
C ILE A 38 1.82 -32.35 14.11
N PHE A 39 3.02 -31.81 14.30
CA PHE A 39 4.13 -31.99 13.36
C PHE A 39 4.71 -33.39 13.53
N SER A 40 4.93 -34.08 12.42
CA SER A 40 5.75 -35.31 12.39
C SER A 40 7.19 -34.93 12.72
N SER A 41 7.97 -35.88 13.23
CA SER A 41 9.43 -35.74 13.46
C SER A 41 10.09 -35.35 12.15
N ARG A 42 9.67 -35.93 11.04
CA ARG A 42 10.16 -35.61 9.68
C ARG A 42 10.12 -34.09 9.45
N ASP A 43 9.06 -33.39 9.91
CA ASP A 43 8.79 -31.96 9.60
C ASP A 43 9.09 -31.04 10.80
N GLU A 44 9.88 -31.50 11.77
CA GLU A 44 10.20 -30.75 13.02
C GLU A 44 10.71 -29.36 12.65
N LYS A 45 11.55 -29.28 11.61
CA LYS A 45 12.24 -28.02 11.23
C LYS A 45 11.20 -26.95 10.86
N SER A 46 10.08 -27.37 10.27
CA SER A 46 8.98 -26.48 9.83
C SER A 46 8.36 -25.80 11.05
N TRP A 47 8.12 -26.53 12.14
CA TRP A 47 7.61 -25.92 13.38
C TRP A 47 8.58 -24.83 13.85
N PHE A 48 9.89 -25.10 13.85
CA PHE A 48 10.92 -24.15 14.35
C PHE A 48 10.95 -22.93 13.44
N ARG A 49 10.93 -23.11 12.12
CA ARG A 49 10.95 -22.00 11.12
C ARG A 49 9.70 -21.13 11.35
N GLU A 50 8.54 -21.73 11.49
CA GLU A 50 7.27 -20.97 11.55
C GLU A 50 7.18 -20.24 12.90
N THR A 51 7.57 -20.89 13.99
CA THR A 51 7.52 -20.31 15.36
C THR A 51 8.47 -19.12 15.39
N GLU A 52 9.68 -19.28 14.85
CA GLU A 52 10.71 -18.22 14.75
C GLU A 52 10.15 -17.02 13.98
N LEU A 53 9.43 -17.28 12.90
CA LEU A 53 8.84 -16.21 12.05
C LEU A 53 7.83 -15.41 12.89
N TYR A 54 6.92 -16.10 13.57
CA TYR A 54 5.82 -15.49 14.36
C TYR A 54 6.38 -14.85 15.64
N ASN A 55 7.54 -15.32 16.15
CA ASN A 55 8.27 -14.71 17.29
C ASN A 55 8.90 -13.39 16.84
N THR A 56 9.18 -13.25 15.53
CA THR A 56 9.78 -12.04 14.91
C THR A 56 8.68 -11.06 14.52
N VAL A 57 7.62 -11.53 13.86
CA VAL A 57 6.48 -10.68 13.40
C VAL A 57 5.17 -11.43 13.60
N MET A 58 4.21 -10.85 14.33
CA MET A 58 2.89 -11.46 14.57
C MET A 58 1.95 -11.03 13.42
N LEU A 59 1.95 -11.79 12.32
CA LEU A 59 1.12 -11.52 11.11
C LEU A 59 -0.35 -11.52 11.52
N ARG A 60 -1.09 -10.52 11.05
CA ARG A 60 -2.55 -10.40 11.25
C ARG A 60 -3.13 -9.84 9.96
N HIS A 61 -3.74 -10.69 9.16
CA HIS A 61 -4.32 -10.32 7.85
C HIS A 61 -5.48 -11.24 7.56
N GLU A 62 -6.57 -10.70 7.03
CA GLU A 62 -7.81 -11.47 6.69
C GLU A 62 -7.47 -12.62 5.72
N ASN A 63 -6.38 -12.53 4.94
CA ASN A 63 -6.08 -13.53 3.86
C ASN A 63 -4.83 -14.36 4.22
N ILE A 64 -4.47 -14.35 5.51
N ILE A 64 -4.47 -14.37 5.51
CA ILE A 64 -3.40 -15.19 6.13
CA ILE A 64 -3.38 -15.20 6.10
C ILE A 64 -4.04 -15.97 7.27
C ILE A 64 -3.96 -15.96 7.29
N LEU A 65 -3.93 -17.29 7.25
CA LEU A 65 -4.44 -18.16 8.34
C LEU A 65 -3.94 -17.64 9.69
N GLY A 66 -4.88 -17.48 10.63
CA GLY A 66 -4.68 -16.67 11.85
C GLY A 66 -3.98 -17.51 12.88
N PHE A 67 -2.82 -17.03 13.33
CA PHE A 67 -2.05 -17.71 14.39
C PHE A 67 -2.73 -17.56 15.77
N ILE A 68 -2.77 -18.65 16.53
CA ILE A 68 -3.23 -18.70 17.95
C ILE A 68 -2.04 -19.08 18.87
N ALA A 69 -1.34 -20.19 18.59
CA ALA A 69 -0.27 -20.69 19.47
C ALA A 69 0.68 -21.67 18.76
N SER A 70 1.94 -21.68 19.22
CA SER A 70 2.96 -22.73 18.98
C SER A 70 3.32 -23.37 20.31
N ASP A 71 3.15 -24.69 20.44
CA ASP A 71 3.35 -25.42 21.73
C ASP A 71 4.37 -26.56 21.52
N MET A 72 5.36 -26.63 22.40
CA MET A 72 6.23 -27.82 22.58
C MET A 72 5.92 -28.45 23.94
N THR A 73 5.54 -29.73 23.96
CA THR A 73 5.19 -30.53 25.17
C THR A 73 6.14 -31.73 25.25
N SER A 74 6.31 -32.32 26.44
CA SER A 74 7.39 -33.29 26.77
C SER A 74 6.92 -34.75 26.55
N THR A 79 8.93 -35.37 22.77
CA THR A 79 8.56 -33.97 22.38
C THR A 79 7.42 -33.96 21.36
N GLN A 80 6.23 -33.47 21.73
CA GLN A 80 5.12 -33.13 20.77
C GLN A 80 5.24 -31.65 20.37
N LEU A 81 5.21 -31.36 19.05
CA LEU A 81 5.20 -30.00 18.45
C LEU A 81 3.83 -29.71 17.80
N TRP A 82 3.14 -28.68 18.28
CA TRP A 82 1.76 -28.29 17.88
C TRP A 82 1.75 -26.87 17.33
N LEU A 83 1.05 -26.64 16.22
CA LEU A 83 0.68 -25.29 15.74
C LEU A 83 -0.83 -25.17 15.82
N ILE A 84 -1.31 -24.09 16.42
CA ILE A 84 -2.77 -23.87 16.65
C ILE A 84 -3.16 -22.58 15.93
N THR A 85 -4.19 -22.70 15.08
CA THR A 85 -4.67 -21.60 14.22
C THR A 85 -6.20 -21.54 14.34
N HIS A 86 -6.76 -20.48 13.77
CA HIS A 86 -8.20 -20.40 13.41
C HIS A 86 -8.56 -21.61 12.55
N TYR A 87 -9.81 -22.09 12.70
CA TYR A 87 -10.41 -23.21 11.95
C TYR A 87 -11.32 -22.62 10.87
N HIS A 88 -11.25 -23.16 9.64
CA HIS A 88 -12.06 -22.75 8.46
C HIS A 88 -12.82 -23.99 7.96
N GLU A 89 -14.08 -24.10 8.37
CA GLU A 89 -14.88 -25.34 8.27
C GLU A 89 -15.05 -25.70 6.78
N MET A 90 -15.02 -24.73 5.89
CA MET A 90 -15.17 -25.01 4.44
C MET A 90 -13.94 -25.77 3.91
N GLY A 91 -12.78 -25.65 4.57
CA GLY A 91 -11.62 -26.47 4.21
C GLY A 91 -10.76 -25.81 3.15
N SER A 92 -9.96 -26.61 2.45
CA SER A 92 -8.94 -26.12 1.49
C SER A 92 -9.61 -25.74 0.17
N LEU A 93 -9.03 -24.78 -0.54
CA LEU A 93 -9.40 -24.44 -1.94
C LEU A 93 -9.35 -25.72 -2.78
N TYR A 94 -8.35 -26.56 -2.55
CA TYR A 94 -8.19 -27.84 -3.28
C TYR A 94 -9.49 -28.64 -3.14
N ASP A 95 -9.96 -28.81 -1.90
N ASP A 95 -9.95 -28.81 -1.89
CA ASP A 95 -11.16 -29.63 -1.58
CA ASP A 95 -11.16 -29.61 -1.55
C ASP A 95 -12.41 -28.97 -2.17
C ASP A 95 -12.40 -28.96 -2.19
N TYR A 96 -12.50 -27.64 -2.06
CA TYR A 96 -13.65 -26.82 -2.50
C TYR A 96 -13.80 -26.90 -4.02
N LEU A 97 -12.70 -26.75 -4.76
CA LEU A 97 -12.73 -26.77 -6.24
C LEU A 97 -13.15 -28.15 -6.78
N GLN A 98 -12.97 -29.27 -6.05
CA GLN A 98 -13.34 -30.61 -6.56
C GLN A 98 -14.84 -30.65 -6.85
N LEU A 99 -15.64 -30.07 -5.94
CA LEU A 99 -17.11 -30.30 -5.82
C LEU A 99 -17.90 -29.05 -6.16
N THR A 100 -17.24 -27.91 -6.38
CA THR A 100 -17.91 -26.61 -6.57
C THR A 100 -17.44 -25.97 -7.87
N THR A 101 -18.38 -25.37 -8.62
CA THR A 101 -18.09 -24.46 -9.75
C THR A 101 -18.31 -23.05 -9.24
N LEU A 102 -17.86 -22.07 -10.01
CA LEU A 102 -17.75 -20.67 -9.58
C LEU A 102 -18.43 -19.81 -10.63
N ASP A 103 -18.84 -18.60 -10.27
CA ASP A 103 -19.27 -17.58 -11.25
C ASP A 103 -18.23 -16.45 -11.22
N THR A 104 -18.43 -15.44 -12.02
CA THR A 104 -17.46 -14.36 -12.19
C THR A 104 -17.15 -13.79 -10.80
N VAL A 105 -18.17 -13.60 -9.97
CA VAL A 105 -18.05 -12.89 -8.67
C VAL A 105 -17.25 -13.74 -7.68
N SER A 106 -17.60 -15.02 -7.53
N SER A 106 -17.61 -15.03 -7.51
CA SER A 106 -16.95 -15.98 -6.58
CA SER A 106 -16.94 -15.94 -6.55
C SER A 106 -15.51 -16.24 -7.03
C SER A 106 -15.50 -16.24 -7.03
N CYS A 107 -15.30 -16.49 -8.33
CA CYS A 107 -13.94 -16.65 -8.92
C CYS A 107 -13.07 -15.43 -8.60
N LEU A 108 -13.53 -14.22 -8.89
CA LEU A 108 -12.69 -13.02 -8.69
C LEU A 108 -12.46 -12.77 -7.19
N ARG A 109 -13.42 -13.11 -6.33
CA ARG A 109 -13.31 -12.90 -4.87
C ARG A 109 -12.17 -13.77 -4.36
N ILE A 110 -12.17 -15.04 -4.76
CA ILE A 110 -11.13 -16.06 -4.41
C ILE A 110 -9.74 -15.60 -4.86
N VAL A 111 -9.55 -15.25 -6.14
CA VAL A 111 -8.18 -14.98 -6.68
C VAL A 111 -7.70 -13.62 -6.16
N LEU A 112 -8.58 -12.64 -6.03
CA LEU A 112 -8.19 -11.34 -5.44
C LEU A 112 -7.77 -11.51 -3.97
N SER A 113 -8.46 -12.35 -3.18
CA SER A 113 -8.12 -12.54 -1.74
C SER A 113 -6.75 -13.23 -1.61
N ILE A 114 -6.43 -14.19 -2.49
CA ILE A 114 -5.11 -14.89 -2.51
C ILE A 114 -4.04 -13.86 -2.85
N ALA A 115 -4.26 -13.04 -3.86
CA ALA A 115 -3.28 -11.98 -4.27
C ALA A 115 -3.07 -10.98 -3.13
N SER A 116 -4.15 -10.58 -2.45
N SER A 116 -4.13 -10.64 -2.38
CA SER A 116 -4.09 -9.70 -1.24
CA SER A 116 -4.05 -9.67 -1.25
C SER A 116 -3.19 -10.35 -0.18
C SER A 116 -3.32 -10.29 -0.06
N GLY A 117 -3.48 -11.60 0.19
CA GLY A 117 -2.68 -12.31 1.20
C GLY A 117 -1.21 -12.42 0.79
N LEU A 118 -0.97 -12.75 -0.49
CA LEU A 118 0.42 -12.94 -0.99
C LEU A 118 1.14 -11.59 -1.04
N ALA A 119 0.49 -10.53 -1.51
CA ALA A 119 1.09 -9.17 -1.56
C ALA A 119 1.44 -8.75 -0.13
N HIS A 120 0.62 -9.12 0.84
CA HIS A 120 0.84 -8.73 2.26
C HIS A 120 2.07 -9.49 2.74
N LEU A 121 2.21 -10.77 2.38
CA LEU A 121 3.42 -11.55 2.77
C LEU A 121 4.66 -10.86 2.20
N HIS A 122 4.62 -10.55 0.91
CA HIS A 122 5.79 -10.08 0.12
C HIS A 122 6.25 -8.70 0.57
N ILE A 123 5.33 -7.80 0.92
CA ILE A 123 5.63 -6.36 1.13
C ILE A 123 6.33 -6.19 2.50
N GLU A 124 7.43 -5.44 2.50
CA GLU A 124 8.01 -4.88 3.74
C GLU A 124 7.18 -3.65 4.18
N ILE A 125 6.63 -3.65 5.40
CA ILE A 125 5.96 -2.48 6.03
C ILE A 125 6.89 -1.95 7.13
N PHE A 126 7.24 -0.67 7.05
CA PHE A 126 8.16 0.02 8.00
C PHE A 126 7.35 0.50 9.22
N GLY A 127 8.04 0.82 10.32
CA GLY A 127 7.41 1.29 11.58
C GLY A 127 7.80 0.42 12.77
N GLY A 130 4.70 -2.79 11.73
CA GLY A 130 5.50 -3.09 10.53
C GLY A 130 5.75 -4.59 10.35
N LYS A 131 6.34 -5.00 9.23
CA LYS A 131 6.76 -6.41 9.02
C LYS A 131 7.93 -6.47 8.02
N PRO A 132 8.77 -7.51 8.15
CA PRO A 132 9.72 -7.83 7.09
C PRO A 132 8.92 -8.39 5.92
N ALA A 133 9.53 -8.35 4.74
CA ALA A 133 9.06 -9.02 3.52
C ALA A 133 9.23 -10.53 3.76
N ILE A 134 8.27 -11.34 3.31
CA ILE A 134 8.24 -12.82 3.51
C ILE A 134 7.93 -13.49 2.17
N ALA A 135 8.67 -14.53 1.82
CA ALA A 135 8.32 -15.43 0.71
C ALA A 135 7.78 -16.72 1.32
N HIS A 136 6.71 -17.25 0.76
CA HIS A 136 5.97 -18.41 1.30
C HIS A 136 6.75 -19.70 1.01
N ARG A 137 6.99 -19.92 -0.29
CA ARG A 137 7.83 -20.98 -0.89
C ARG A 137 7.11 -22.32 -0.89
N ASP A 138 5.83 -22.37 -0.52
CA ASP A 138 5.05 -23.64 -0.62
C ASP A 138 3.59 -23.37 -1.01
N LEU A 139 3.36 -22.38 -1.85
CA LEU A 139 1.99 -21.98 -2.26
C LEU A 139 1.40 -23.05 -3.17
N LYS A 140 0.20 -23.49 -2.84
CA LYS A 140 -0.57 -24.48 -3.62
C LYS A 140 -2.00 -24.49 -3.09
N SER A 141 -2.92 -25.10 -3.83
CA SER A 141 -4.38 -25.00 -3.56
C SER A 141 -4.70 -25.68 -2.21
N LYS A 142 -3.92 -26.67 -1.78
CA LYS A 142 -4.05 -27.33 -0.44
C LYS A 142 -3.57 -26.41 0.69
N ASN A 143 -2.79 -25.40 0.38
CA ASN A 143 -2.25 -24.45 1.39
C ASN A 143 -3.03 -23.15 1.30
N ILE A 144 -4.27 -23.21 0.81
CA ILE A 144 -5.20 -22.05 0.78
C ILE A 144 -6.51 -22.57 1.36
N LEU A 145 -7.11 -21.82 2.30
CA LEU A 145 -8.39 -22.23 2.92
C LEU A 145 -9.49 -21.25 2.47
N VAL A 146 -10.71 -21.77 2.34
CA VAL A 146 -11.91 -20.98 1.92
C VAL A 146 -12.68 -20.52 3.16
N LYS A 147 -12.95 -19.22 3.26
CA LYS A 147 -13.71 -18.59 4.37
C LYS A 147 -15.17 -18.47 3.95
N LYS A 148 -16.07 -18.38 4.94
CA LYS A 148 -17.54 -18.34 4.67
C LYS A 148 -17.89 -17.08 3.88
N ASN A 149 -17.09 -16.00 3.96
CA ASN A 149 -17.37 -14.75 3.23
C ASN A 149 -16.87 -14.81 1.79
N GLY A 150 -16.43 -15.98 1.28
CA GLY A 150 -16.03 -16.15 -0.13
C GLY A 150 -14.59 -15.75 -0.41
N GLN A 151 -13.89 -15.14 0.57
CA GLN A 151 -12.42 -14.94 0.48
C GLN A 151 -11.69 -16.19 0.95
N CYS A 152 -10.40 -16.21 0.67
CA CYS A 152 -9.48 -17.30 1.04
C CYS A 152 -8.44 -16.71 2.00
N CYS A 153 -7.72 -17.60 2.65
CA CYS A 153 -6.49 -17.25 3.40
C CYS A 153 -5.38 -18.25 3.05
N ILE A 154 -4.18 -17.73 2.88
CA ILE A 154 -2.93 -18.51 2.68
C ILE A 154 -2.49 -19.10 4.02
N ALA A 155 -2.15 -20.39 4.00
CA ALA A 155 -1.72 -21.18 5.16
C ALA A 155 -0.33 -21.77 4.88
N ASP A 156 0.27 -22.23 5.96
CA ASP A 156 1.49 -23.08 6.00
C ASP A 156 2.73 -22.23 5.68
N LEU A 157 3.27 -21.60 6.71
CA LEU A 157 4.51 -20.80 6.61
C LEU A 157 5.70 -21.64 7.09
N GLY A 158 5.60 -22.97 7.05
CA GLY A 158 6.68 -23.91 7.42
C GLY A 158 7.97 -23.71 6.64
N LEU A 159 7.94 -23.18 5.42
CA LEU A 159 9.15 -23.01 4.59
C LEU A 159 9.43 -21.51 4.38
N ALA A 160 8.70 -20.63 5.05
CA ALA A 160 8.73 -19.18 4.79
C ALA A 160 10.13 -18.63 5.08
N VAL A 161 10.57 -17.64 4.30
CA VAL A 161 11.84 -16.89 4.51
C VAL A 161 11.49 -15.41 4.65
N MET A 162 12.16 -14.76 5.60
CA MET A 162 12.02 -13.31 5.88
C MET A 162 13.20 -12.56 5.27
N HIS A 163 12.99 -11.31 4.84
CA HIS A 163 14.08 -10.37 4.47
C HIS A 163 13.96 -9.07 5.30
N ARG A 177 14.86 -28.72 -4.78
CA ARG A 177 14.91 -27.92 -3.52
C ARG A 177 13.65 -28.24 -2.69
N VAL A 178 13.03 -27.24 -2.08
CA VAL A 178 11.95 -27.42 -1.07
C VAL A 178 10.63 -27.03 -1.72
N GLY A 179 9.54 -27.56 -1.18
CA GLY A 179 8.16 -27.27 -1.62
C GLY A 179 7.54 -28.47 -2.31
N THR A 180 6.41 -28.28 -2.97
CA THR A 180 5.69 -29.34 -3.71
C THR A 180 6.20 -29.32 -5.15
N LYS A 181 6.71 -30.45 -5.62
CA LYS A 181 7.42 -30.59 -6.92
C LYS A 181 6.53 -30.08 -8.05
N ARG A 182 5.24 -30.45 -8.05
CA ARG A 182 4.24 -30.06 -9.10
C ARG A 182 4.20 -28.53 -9.25
N TYR A 183 4.45 -27.77 -8.17
CA TYR A 183 4.33 -26.30 -8.15
C TYR A 183 5.69 -25.59 -8.21
N MET A 184 6.80 -26.32 -8.36
CA MET A 184 8.15 -25.69 -8.30
C MET A 184 8.38 -24.93 -9.60
N ALA A 185 8.87 -23.70 -9.47
CA ALA A 185 9.35 -22.85 -10.58
C ALA A 185 10.53 -23.55 -11.27
N PRO A 186 10.73 -23.28 -12.57
CA PRO A 186 11.78 -23.92 -13.35
C PRO A 186 13.19 -23.69 -12.79
N GLU A 187 13.49 -22.50 -12.31
CA GLU A 187 14.78 -22.13 -11.67
C GLU A 187 15.00 -22.96 -10.38
N VAL A 188 13.96 -23.48 -9.76
CA VAL A 188 14.09 -24.36 -8.56
C VAL A 188 14.45 -25.75 -9.07
N LEU A 189 13.61 -26.29 -9.96
CA LEU A 189 13.81 -27.60 -10.60
C LEU A 189 15.18 -27.69 -11.29
N ASP A 190 15.68 -26.67 -11.99
CA ASP A 190 17.00 -26.79 -12.68
C ASP A 190 18.11 -26.15 -11.82
N GLU A 191 17.81 -25.79 -10.57
CA GLU A 191 18.77 -25.29 -9.55
C GLU A 191 19.59 -24.10 -10.10
N THR A 192 18.98 -23.17 -10.86
CA THR A 192 19.60 -21.90 -11.32
C THR A 192 19.10 -20.72 -10.49
N ILE A 193 18.19 -20.95 -9.54
CA ILE A 193 17.67 -19.87 -8.65
C ILE A 193 18.87 -19.19 -7.98
N GLN A 194 18.92 -17.85 -7.95
CA GLN A 194 19.96 -17.10 -7.19
C GLN A 194 19.60 -17.17 -5.70
N VAL A 195 20.22 -18.10 -4.97
CA VAL A 195 19.87 -18.48 -3.57
C VAL A 195 20.10 -17.30 -2.61
N ASP A 196 20.99 -16.37 -2.96
CA ASP A 196 21.43 -15.24 -2.09
C ASP A 196 20.60 -13.98 -2.39
N CYS A 197 19.53 -14.10 -3.19
CA CYS A 197 18.66 -12.98 -3.62
C CYS A 197 17.23 -13.24 -3.10
N PHE A 198 16.74 -12.40 -2.19
CA PHE A 198 15.39 -12.56 -1.59
C PHE A 198 14.31 -12.52 -2.69
N ASP A 199 14.42 -11.64 -3.67
CA ASP A 199 13.43 -11.49 -4.79
C ASP A 199 13.22 -12.83 -5.49
N SER A 200 14.24 -13.70 -5.53
CA SER A 200 14.17 -15.03 -6.18
C SER A 200 12.99 -15.81 -5.60
N TYR A 201 12.87 -15.80 -4.27
CA TYR A 201 11.84 -16.57 -3.53
C TYR A 201 10.47 -15.92 -3.74
N LYS A 202 10.41 -14.60 -3.94
CA LYS A 202 9.11 -13.96 -4.28
C LYS A 202 8.66 -14.45 -5.66
N ARG A 203 9.60 -14.52 -6.61
CA ARG A 203 9.31 -14.89 -8.02
C ARG A 203 8.86 -16.34 -8.09
N VAL A 204 9.37 -17.19 -7.21
CA VAL A 204 8.96 -18.62 -7.08
C VAL A 204 7.48 -18.67 -6.62
N ASP A 205 7.08 -17.74 -5.77
CA ASP A 205 5.70 -17.63 -5.24
C ASP A 205 4.76 -17.23 -6.40
N ILE A 206 5.20 -16.34 -7.27
CA ILE A 206 4.33 -15.87 -8.38
C ILE A 206 4.12 -17.04 -9.35
N TRP A 207 5.19 -17.75 -9.71
CA TRP A 207 5.05 -19.00 -10.49
C TRP A 207 3.88 -19.83 -9.95
N ALA A 208 3.92 -20.19 -8.66
CA ALA A 208 2.92 -21.11 -8.06
C ALA A 208 1.55 -20.43 -8.00
N PHE A 209 1.52 -19.11 -7.81
CA PHE A 209 0.26 -18.33 -7.81
C PHE A 209 -0.39 -18.49 -9.18
N GLY A 210 0.39 -18.27 -10.24
CA GLY A 210 -0.11 -18.48 -11.61
C GLY A 210 -0.78 -19.84 -11.79
N LEU A 211 -0.20 -20.91 -11.23
CA LEU A 211 -0.79 -22.28 -11.33
C LEU A 211 -2.10 -22.34 -10.54
N VAL A 212 -2.16 -21.77 -9.34
CA VAL A 212 -3.40 -21.77 -8.52
C VAL A 212 -4.51 -21.04 -9.28
N LEU A 213 -4.19 -19.88 -9.87
N LEU A 213 -4.18 -19.86 -9.84
CA LEU A 213 -5.10 -19.07 -10.72
CA LEU A 213 -5.06 -19.06 -10.74
C LEU A 213 -5.68 -19.93 -11.84
C LEU A 213 -5.69 -19.96 -11.81
N TRP A 214 -4.84 -20.74 -12.50
CA TRP A 214 -5.27 -21.71 -13.52
C TRP A 214 -6.23 -22.73 -12.92
N GLU A 215 -5.94 -23.28 -11.75
CA GLU A 215 -6.80 -24.34 -11.14
C GLU A 215 -8.22 -23.79 -10.84
N VAL A 216 -8.31 -22.53 -10.43
CA VAL A 216 -9.57 -21.82 -10.02
C VAL A 216 -10.35 -21.42 -11.29
N ALA A 217 -9.70 -20.73 -12.23
CA ALA A 217 -10.29 -20.30 -13.52
C ALA A 217 -11.01 -21.47 -14.20
N ARG A 218 -10.44 -22.67 -14.16
CA ARG A 218 -11.02 -23.85 -14.84
C ARG A 218 -12.43 -24.11 -14.32
N ARG A 219 -12.71 -23.76 -13.06
CA ARG A 219 -13.96 -24.14 -12.38
C ARG A 219 -14.96 -22.99 -12.45
N MET A 220 -14.59 -21.87 -13.06
CA MET A 220 -15.50 -20.73 -13.34
C MET A 220 -16.30 -21.04 -14.62
N VAL A 221 -17.63 -21.05 -14.53
CA VAL A 221 -18.57 -21.30 -15.65
C VAL A 221 -18.57 -20.08 -16.57
N SER A 222 -18.54 -20.30 -17.87
CA SER A 222 -18.80 -19.26 -18.88
C SER A 222 -19.58 -19.94 -20.01
N ASN A 223 -20.67 -19.31 -20.44
N ASN A 223 -20.68 -19.30 -20.42
CA ASN A 223 -21.48 -19.78 -21.60
CA ASN A 223 -21.50 -19.74 -21.58
C ASN A 223 -21.87 -21.23 -21.37
C ASN A 223 -21.88 -21.21 -21.38
N GLY A 224 -22.24 -21.60 -20.14
CA GLY A 224 -22.70 -22.95 -19.79
C GLY A 224 -21.59 -23.99 -19.75
N ILE A 225 -20.33 -23.57 -19.87
CA ILE A 225 -19.14 -24.49 -19.97
C ILE A 225 -18.27 -24.35 -18.70
N VAL A 226 -17.73 -25.46 -18.23
CA VAL A 226 -16.72 -25.46 -17.13
C VAL A 226 -15.80 -26.66 -17.37
N GLU A 227 -14.53 -26.58 -16.98
CA GLU A 227 -13.65 -27.78 -16.86
C GLU A 227 -13.83 -28.46 -15.49
N ASP A 228 -13.62 -29.78 -15.49
CA ASP A 228 -13.15 -30.66 -14.38
C ASP A 228 -12.13 -29.95 -13.49
N TYR A 229 -12.13 -30.23 -12.19
CA TYR A 229 -10.96 -29.94 -11.34
C TYR A 229 -9.79 -30.82 -11.82
N LYS A 230 -8.66 -30.19 -12.09
CA LYS A 230 -7.39 -30.91 -12.33
C LYS A 230 -6.25 -30.14 -11.70
N PRO A 231 -5.24 -30.86 -11.17
CA PRO A 231 -4.04 -30.25 -10.66
C PRO A 231 -3.16 -29.83 -11.82
N PRO A 232 -2.27 -28.85 -11.60
CA PRO A 232 -1.39 -28.38 -12.66
C PRO A 232 -0.58 -29.56 -13.23
N PHE A 233 -0.44 -29.63 -14.55
CA PHE A 233 0.42 -30.59 -15.29
C PHE A 233 -0.14 -32.00 -15.16
N TYR A 234 -1.43 -32.13 -14.88
CA TYR A 234 -2.15 -33.41 -14.71
C TYR A 234 -2.01 -34.28 -15.95
N ASP A 235 -1.77 -33.66 -17.11
CA ASP A 235 -1.80 -34.32 -18.44
C ASP A 235 -0.40 -34.72 -18.92
N VAL A 236 0.67 -34.35 -18.19
CA VAL A 236 2.06 -34.55 -18.68
C VAL A 236 2.96 -35.23 -17.64
N VAL A 237 2.53 -35.38 -16.38
CA VAL A 237 3.30 -36.06 -15.30
C VAL A 237 2.37 -37.00 -14.55
N PRO A 238 2.90 -38.08 -13.96
CA PRO A 238 2.09 -38.96 -13.10
C PRO A 238 1.77 -38.28 -11.76
N ASN A 239 0.94 -38.93 -10.95
CA ASN A 239 0.76 -38.58 -9.52
C ASN A 239 2.12 -38.68 -8.83
N ASP A 240 2.35 -37.85 -7.82
CA ASP A 240 3.63 -37.83 -7.08
C ASP A 240 4.77 -37.79 -8.09
N PRO A 241 4.81 -36.75 -8.97
CA PRO A 241 5.82 -36.70 -10.01
C PRO A 241 7.23 -36.58 -9.39
N SER A 242 8.20 -37.16 -10.05
CA SER A 242 9.62 -37.12 -9.64
C SER A 242 10.15 -35.74 -10.03
N PHE A 243 11.29 -35.32 -9.45
CA PHE A 243 12.01 -34.09 -9.85
C PHE A 243 12.27 -34.13 -11.34
N GLU A 244 12.74 -35.28 -11.83
CA GLU A 244 13.09 -35.48 -13.26
C GLU A 244 11.86 -35.29 -14.13
N ASP A 245 10.72 -35.89 -13.78
CA ASP A 245 9.42 -35.71 -14.49
C ASP A 245 9.14 -34.21 -14.64
N MET A 246 9.21 -33.46 -13.53
CA MET A 246 8.86 -32.01 -13.50
C MET A 246 9.89 -31.23 -14.31
N ARG A 247 11.18 -31.50 -14.11
CA ARG A 247 12.28 -30.75 -14.79
C ARG A 247 12.14 -30.89 -16.31
N LYS A 248 11.76 -32.06 -16.80
CA LYS A 248 11.65 -32.31 -18.26
C LYS A 248 10.48 -31.47 -18.82
N VAL A 249 9.34 -31.51 -18.14
CA VAL A 249 8.11 -30.82 -18.61
C VAL A 249 8.40 -29.31 -18.57
N VAL A 250 8.85 -28.80 -17.42
CA VAL A 250 8.86 -27.34 -17.12
C VAL A 250 10.13 -26.67 -17.65
N CYS A 251 11.29 -27.31 -17.51
CA CYS A 251 12.59 -26.66 -17.80
C CYS A 251 13.03 -26.98 -19.22
N VAL A 252 13.02 -28.25 -19.58
CA VAL A 252 13.59 -28.71 -20.87
C VAL A 252 12.59 -28.41 -21.96
N ASP A 253 11.36 -28.91 -21.85
CA ASP A 253 10.29 -28.69 -22.89
C ASP A 253 9.63 -27.31 -22.72
N GLN A 254 9.77 -26.66 -21.55
CA GLN A 254 9.16 -25.35 -21.25
C GLN A 254 7.63 -25.43 -21.43
N GLN A 255 6.99 -26.55 -21.09
CA GLN A 255 5.53 -26.66 -21.18
C GLN A 255 4.87 -25.79 -20.09
N ARG A 256 3.65 -25.34 -20.38
CA ARG A 256 2.80 -24.55 -19.45
C ARG A 256 1.40 -25.12 -19.51
N PRO A 257 0.58 -24.96 -18.45
CA PRO A 257 -0.79 -25.46 -18.50
C PRO A 257 -1.57 -24.87 -19.70
N ASN A 258 -2.44 -25.68 -20.31
N ASN A 258 -2.46 -25.71 -20.27
CA ASN A 258 -3.19 -25.29 -21.54
CA ASN A 258 -3.34 -25.39 -21.42
C ASN A 258 -4.38 -24.40 -21.14
C ASN A 258 -4.34 -24.29 -21.01
N ILE A 259 -4.54 -23.30 -21.87
CA ILE A 259 -5.68 -22.33 -21.76
C ILE A 259 -6.76 -22.79 -22.74
N PRO A 260 -7.94 -23.27 -22.28
CA PRO A 260 -8.98 -23.74 -23.20
C PRO A 260 -9.50 -22.59 -24.05
N ASN A 261 -9.87 -22.90 -25.29
CA ASN A 261 -10.57 -21.98 -26.22
C ASN A 261 -11.73 -21.25 -25.53
N ARG A 262 -12.61 -21.95 -24.82
CA ARG A 262 -13.83 -21.32 -24.24
C ARG A 262 -13.49 -20.12 -23.33
N TRP A 263 -12.26 -20.01 -22.80
CA TRP A 263 -11.88 -18.84 -21.94
C TRP A 263 -11.86 -17.56 -22.77
N PHE A 264 -11.58 -17.65 -24.06
CA PHE A 264 -11.39 -16.44 -24.90
C PHE A 264 -12.74 -15.87 -25.34
N SER A 265 -13.86 -16.56 -25.08
CA SER A 265 -15.24 -16.02 -25.18
C SER A 265 -15.68 -15.29 -23.90
N ASP A 266 -14.88 -15.28 -22.83
CA ASP A 266 -15.23 -14.62 -21.55
C ASP A 266 -14.19 -13.56 -21.22
N PRO A 267 -14.61 -12.30 -20.97
CA PRO A 267 -13.64 -11.23 -20.69
C PRO A 267 -12.84 -11.49 -19.42
N THR A 268 -13.45 -12.08 -18.37
CA THR A 268 -12.77 -12.34 -17.09
C THR A 268 -11.68 -13.41 -17.33
N LEU A 269 -12.06 -14.56 -17.86
CA LEU A 269 -11.11 -15.68 -18.15
C LEU A 269 -10.04 -15.23 -19.14
N THR A 270 -10.35 -14.33 -20.08
CA THR A 270 -9.36 -13.79 -21.04
C THR A 270 -8.34 -12.97 -20.25
N SER A 271 -8.79 -12.18 -19.28
CA SER A 271 -7.88 -11.35 -18.45
C SER A 271 -7.04 -12.26 -17.56
N LEU A 272 -7.65 -13.29 -16.97
CA LEU A 272 -6.95 -14.23 -16.05
C LEU A 272 -5.89 -15.03 -16.84
N ALA A 273 -6.21 -15.51 -18.04
CA ALA A 273 -5.25 -16.17 -18.97
C ALA A 273 -4.04 -15.27 -19.17
N LYS A 274 -4.24 -14.02 -19.50
CA LYS A 274 -3.10 -13.07 -19.70
C LYS A 274 -2.31 -13.01 -18.39
N LEU A 275 -2.99 -12.98 -17.24
CA LEU A 275 -2.32 -12.86 -15.92
C LEU A 275 -1.47 -14.10 -15.66
N MET A 276 -2.03 -15.28 -15.85
CA MET A 276 -1.29 -16.51 -15.52
C MET A 276 -0.07 -16.64 -16.46
N LYS A 277 -0.17 -16.24 -17.73
CA LYS A 277 1.01 -16.26 -18.63
C LYS A 277 2.11 -15.36 -18.03
N GLU A 278 1.74 -14.22 -17.46
CA GLU A 278 2.72 -13.25 -16.93
C GLU A 278 3.26 -13.70 -15.57
N CYS A 279 2.76 -14.81 -15.02
CA CYS A 279 3.32 -15.48 -13.80
C CYS A 279 4.29 -16.61 -14.19
N TRP A 280 4.28 -17.04 -15.45
CA TRP A 280 4.88 -18.32 -15.94
C TRP A 280 6.08 -18.11 -16.83
N TYR A 281 6.60 -16.89 -17.01
CA TYR A 281 7.83 -16.66 -17.81
C TYR A 281 8.96 -17.57 -17.27
N GLN A 282 9.77 -18.12 -18.17
CA GLN A 282 11.01 -18.88 -17.82
CA GLN A 282 10.96 -18.91 -17.74
C GLN A 282 11.93 -17.95 -17.03
N ASN A 283 12.02 -16.69 -17.46
CA ASN A 283 12.87 -15.68 -16.78
C ASN A 283 12.14 -15.13 -15.55
N PRO A 284 12.62 -15.42 -14.32
CA PRO A 284 11.96 -14.98 -13.10
C PRO A 284 11.72 -13.47 -13.02
N SER A 285 12.69 -12.67 -13.46
CA SER A 285 12.66 -11.19 -13.33
C SER A 285 11.56 -10.60 -14.21
N ALA A 286 11.06 -11.35 -15.18
CA ALA A 286 10.03 -10.91 -16.16
C ALA A 286 8.62 -11.08 -15.57
N ARG A 287 8.45 -11.94 -14.56
CA ARG A 287 7.14 -12.22 -13.94
C ARG A 287 6.62 -10.97 -13.20
N LEU A 288 5.31 -10.76 -13.25
CA LEU A 288 4.56 -9.76 -12.46
C LEU A 288 4.91 -9.89 -10.98
N THR A 289 4.83 -8.80 -10.23
CA THR A 289 4.91 -8.79 -8.75
C THR A 289 3.50 -9.01 -8.18
N ALA A 290 3.40 -9.44 -6.92
CA ALA A 290 2.09 -9.58 -6.21
C ALA A 290 1.35 -8.23 -6.24
N LEU A 291 2.04 -7.13 -5.95
CA LEU A 291 1.43 -5.78 -5.95
C LEU A 291 0.81 -5.51 -7.33
N ARG A 292 1.54 -5.77 -8.42
CA ARG A 292 1.02 -5.54 -9.80
C ARG A 292 -0.18 -6.48 -10.07
N ILE A 293 -0.11 -7.74 -9.67
CA ILE A 293 -1.28 -8.67 -9.86
C ILE A 293 -2.51 -8.12 -9.12
N LYS A 294 -2.32 -7.64 -7.89
CA LYS A 294 -3.45 -7.13 -7.06
C LYS A 294 -4.09 -5.95 -7.82
N LYS A 295 -3.29 -5.01 -8.31
CA LYS A 295 -3.78 -3.87 -9.12
C LYS A 295 -4.59 -4.40 -10.31
N THR A 296 -3.99 -5.26 -11.14
CA THR A 296 -4.65 -5.79 -12.36
C THR A 296 -5.98 -6.44 -11.97
N LEU A 297 -6.06 -7.16 -10.85
CA LEU A 297 -7.27 -7.98 -10.52
C LEU A 297 -8.44 -7.07 -10.10
N THR A 298 -8.14 -5.87 -9.59
CA THR A 298 -9.17 -4.90 -9.11
C THR A 298 -9.79 -4.20 -10.32
N LYS A 299 -9.02 -3.97 -11.40
CA LYS A 299 -9.50 -3.43 -12.70
C LYS A 299 -10.35 -4.46 -13.48
N ILE A 300 -10.26 -5.76 -13.18
CA ILE A 300 -11.09 -6.84 -13.82
C ILE A 300 -12.46 -6.82 -13.11
N ASP A 301 -13.54 -6.74 -13.89
CA ASP A 301 -14.93 -6.54 -13.39
C ASP A 301 -14.93 -5.61 -12.18
N ALA B 7 22.62 38.41 19.24
CA ALA B 7 21.41 37.91 19.95
C ALA B 7 20.94 36.60 19.31
N ARG B 8 21.09 35.49 20.03
CA ARG B 8 20.58 34.15 19.64
C ARG B 8 19.55 33.65 20.67
N ASP B 9 19.31 34.42 21.74
CA ASP B 9 18.35 34.04 22.83
C ASP B 9 16.95 33.86 22.24
N ILE B 10 16.43 32.63 22.27
CA ILE B 10 15.05 32.27 21.84
C ILE B 10 14.19 32.08 23.09
N THR B 11 13.10 32.84 23.22
CA THR B 11 12.07 32.67 24.28
C THR B 11 10.89 31.90 23.68
N LEU B 12 10.51 30.79 24.29
CA LEU B 12 9.31 30.00 23.95
C LEU B 12 8.10 30.57 24.71
N LEU B 13 7.12 31.16 24.00
CA LEU B 13 5.96 31.92 24.57
C LEU B 13 4.71 31.04 24.67
N GLU B 14 4.27 30.39 23.58
CA GLU B 14 3.11 29.46 23.63
C GLU B 14 3.30 28.31 22.64
N CYS B 15 2.81 27.14 23.02
CA CYS B 15 2.75 25.95 22.14
C CYS B 15 1.52 26.08 21.24
N VAL B 16 1.75 26.15 19.93
CA VAL B 16 0.69 26.27 18.90
C VAL B 16 0.33 24.88 18.35
N GLY B 17 1.10 23.84 18.66
CA GLY B 17 0.86 22.51 18.06
C GLY B 17 1.65 21.43 18.77
N LYS B 18 1.01 20.27 18.97
CA LYS B 18 1.60 19.04 19.56
C LYS B 18 1.11 17.87 18.70
N GLY B 19 1.92 16.83 18.54
CA GLY B 19 1.51 15.60 17.84
C GLY B 19 2.67 14.62 17.67
N ARG B 20 2.49 13.64 16.80
CA ARG B 20 3.45 12.55 16.50
C ARG B 20 4.78 13.16 16.00
N TYR B 21 4.72 14.35 15.39
CA TYR B 21 5.89 15.05 14.78
C TYR B 21 6.76 15.68 15.86
N GLY B 22 6.19 15.91 17.07
CA GLY B 22 6.81 16.70 18.14
C GLY B 22 5.91 17.85 18.56
N GLU B 23 6.48 19.04 18.74
CA GLU B 23 5.74 20.26 19.15
C GLU B 23 6.17 21.43 18.26
N VAL B 24 5.30 22.43 18.10
CA VAL B 24 5.66 23.75 17.52
C VAL B 24 5.23 24.84 18.50
N TRP B 25 6.03 25.91 18.58
CA TRP B 25 6.01 26.97 19.61
C TRP B 25 6.12 28.31 18.90
N ARG B 26 5.29 29.28 19.29
CA ARG B 26 5.54 30.71 18.98
C ARG B 26 6.64 31.14 19.96
N GLY B 27 7.68 31.80 19.45
CA GLY B 27 8.82 32.26 20.25
C GLY B 27 9.29 33.63 19.80
N SER B 28 10.18 34.24 20.59
CA SER B 28 10.82 35.54 20.28
C SER B 28 12.33 35.36 20.10
N TRP B 29 12.91 36.16 19.21
CA TRP B 29 14.33 36.04 18.77
C TRP B 29 14.71 37.39 18.13
N GLN B 30 15.41 38.25 18.87
CA GLN B 30 15.75 39.63 18.43
C GLN B 30 14.45 40.45 18.31
N GLY B 31 13.48 40.24 19.20
CA GLY B 31 12.22 41.01 19.25
C GLY B 31 11.21 40.62 18.17
N GLU B 32 11.62 39.82 17.17
CA GLU B 32 10.73 39.26 16.11
C GLU B 32 10.07 37.96 16.61
N ASN B 33 8.84 37.69 16.18
CA ASN B 33 8.15 36.40 16.41
C ASN B 33 8.86 35.34 15.54
N VAL B 34 9.08 34.14 16.09
CA VAL B 34 9.59 32.97 15.31
C VAL B 34 8.75 31.75 15.67
N ALA B 35 8.77 30.76 14.77
CA ALA B 35 8.19 29.42 15.03
C ALA B 35 9.37 28.48 15.33
N VAL B 36 9.20 27.59 16.31
CA VAL B 36 10.25 26.65 16.81
C VAL B 36 9.59 25.27 16.83
N LYS B 37 9.97 24.41 15.89
CA LYS B 37 9.57 22.98 15.88
C LYS B 37 10.64 22.22 16.65
N ILE B 38 10.21 21.46 17.66
CA ILE B 38 11.05 20.52 18.42
C ILE B 38 10.59 19.14 17.97
N PHE B 39 11.42 18.43 17.22
CA PHE B 39 11.03 17.15 16.58
C PHE B 39 10.91 16.07 17.64
N SER B 40 10.00 15.12 17.41
CA SER B 40 9.89 13.84 18.18
C SER B 40 11.08 12.96 17.78
N SER B 41 11.49 12.02 18.63
CA SER B 41 12.55 11.04 18.27
C SER B 41 12.07 10.17 17.10
N ARG B 42 10.75 9.98 16.97
CA ARG B 42 10.13 9.30 15.80
C ARG B 42 10.61 9.95 14.48
N ASP B 43 10.75 11.28 14.47
N ASP B 43 10.74 11.27 14.43
CA ASP B 43 10.87 12.10 13.23
CA ASP B 43 10.89 12.01 13.15
C ASP B 43 12.31 12.62 13.02
C ASP B 43 12.30 12.63 13.04
N GLU B 44 13.30 11.99 13.63
CA GLU B 44 14.71 12.52 13.59
C GLU B 44 15.24 12.49 12.15
N LYS B 45 14.87 11.52 11.33
CA LYS B 45 15.30 11.50 9.90
C LYS B 45 14.66 12.68 9.14
N SER B 46 13.42 13.07 9.50
CA SER B 46 12.75 14.22 8.86
C SER B 46 13.52 15.51 9.17
N TRP B 47 13.95 15.69 10.41
CA TRP B 47 14.75 16.88 10.83
C TRP B 47 15.99 17.00 9.94
N PHE B 48 16.75 15.92 9.81
CA PHE B 48 18.01 15.91 9.02
C PHE B 48 17.68 16.18 7.55
N ARG B 49 16.68 15.51 7.01
CA ARG B 49 16.22 15.66 5.59
C ARG B 49 15.85 17.13 5.33
N GLU B 50 15.05 17.75 6.21
CA GLU B 50 14.59 19.15 6.09
C GLU B 50 15.78 20.11 6.14
N THR B 51 16.75 19.82 7.02
CA THR B 51 18.00 20.61 7.20
C THR B 51 18.83 20.59 5.90
N GLU B 52 18.98 19.43 5.24
CA GLU B 52 19.67 19.32 3.93
C GLU B 52 18.90 20.10 2.84
N LEU B 53 17.59 19.92 2.78
CA LEU B 53 16.71 20.70 1.85
C LEU B 53 16.94 22.20 2.04
N TYR B 54 16.76 22.70 3.26
CA TYR B 54 16.86 24.16 3.52
C TYR B 54 18.28 24.66 3.25
N ASN B 55 19.29 23.80 3.19
CA ASN B 55 20.69 24.24 2.94
C ASN B 55 20.82 24.85 1.54
N THR B 56 19.81 24.73 0.67
CA THR B 56 19.74 25.52 -0.59
C THR B 56 19.43 26.99 -0.29
N HIS B 61 12.10 32.19 -1.51
CA HIS B 61 10.80 32.30 -2.22
C HIS B 61 9.67 32.63 -1.23
N GLU B 62 8.80 33.57 -1.60
CA GLU B 62 7.71 34.12 -0.74
C GLU B 62 6.67 33.03 -0.40
N ASN B 63 6.66 31.87 -1.09
CA ASN B 63 5.64 30.82 -0.84
C ASN B 63 6.29 29.51 -0.36
N ILE B 64 7.49 29.57 0.24
CA ILE B 64 8.07 28.47 1.07
C ILE B 64 8.35 29.02 2.47
N LEU B 65 7.81 28.39 3.53
CA LEU B 65 8.12 28.74 4.94
C LEU B 65 9.61 29.09 5.04
N GLY B 66 9.91 30.27 5.56
CA GLY B 66 11.27 30.86 5.56
C GLY B 66 12.10 30.29 6.70
N PHE B 67 13.28 29.80 6.35
CA PHE B 67 14.26 29.18 7.27
C PHE B 67 14.98 30.27 8.07
N ILE B 68 15.21 30.04 9.35
CA ILE B 68 16.10 30.88 10.21
C ILE B 68 17.26 30.02 10.69
N ALA B 69 16.99 28.93 11.42
CA ALA B 69 18.05 28.03 11.92
C ALA B 69 17.56 26.60 12.12
N SER B 70 18.51 25.67 12.18
CA SER B 70 18.33 24.23 12.49
C SER B 70 19.44 23.82 13.46
N ASP B 71 19.07 23.22 14.59
CA ASP B 71 19.99 22.90 15.71
C ASP B 71 19.77 21.46 16.16
N MET B 72 20.85 20.70 16.27
CA MET B 72 20.91 19.46 17.08
C MET B 72 21.71 19.80 18.34
N THR B 73 21.11 19.63 19.52
CA THR B 73 21.80 19.86 20.81
C THR B 73 21.79 18.56 21.60
N SER B 74 22.85 18.27 22.35
CA SER B 74 22.92 17.06 23.21
C SER B 74 23.81 17.30 24.44
N ARG B 75 23.36 16.79 25.58
CA ARG B 75 24.20 16.55 26.78
C ARG B 75 23.85 15.15 27.26
N HIS B 76 24.86 14.36 27.61
CA HIS B 76 24.65 12.95 28.02
C HIS B 76 23.92 12.24 26.89
N SER B 77 22.87 11.46 27.17
CA SER B 77 22.18 10.59 26.19
C SER B 77 20.93 11.27 25.65
N SER B 78 20.70 12.53 25.98
CA SER B 78 19.49 13.28 25.55
C SER B 78 19.82 14.22 24.38
N THR B 79 19.07 14.15 23.28
CA THR B 79 19.23 14.98 22.06
C THR B 79 17.95 15.77 21.78
N GLN B 80 18.07 17.05 21.48
CA GLN B 80 16.94 17.89 21.00
C GLN B 80 17.25 18.31 19.56
N LEU B 81 16.25 18.20 18.70
CA LEU B 81 16.30 18.63 17.28
C LEU B 81 15.33 19.81 17.10
N TRP B 82 15.85 20.97 16.72
CA TRP B 82 15.10 22.25 16.57
C TRP B 82 15.08 22.67 15.10
N LEU B 83 13.95 23.19 14.63
CA LEU B 83 13.85 23.92 13.35
C LEU B 83 13.18 25.26 13.65
N ILE B 84 13.85 26.35 13.32
CA ILE B 84 13.34 27.72 13.61
C ILE B 84 13.00 28.38 12.26
N THR B 85 11.78 28.89 12.15
CA THR B 85 11.27 29.51 10.90
C THR B 85 10.59 30.81 11.25
N HIS B 86 10.26 31.60 10.23
CA HIS B 86 9.31 32.72 10.36
C HIS B 86 8.01 32.17 10.94
N TYR B 87 7.27 33.05 11.59
CA TYR B 87 5.99 32.76 12.28
C TYR B 87 4.86 33.41 11.47
N HIS B 88 3.76 32.70 11.26
CA HIS B 88 2.57 33.19 10.53
C HIS B 88 1.36 33.13 11.47
N GLU B 89 1.04 34.29 12.07
CA GLU B 89 0.00 34.49 13.14
C GLU B 89 -1.29 33.78 12.76
N MET B 90 -1.71 33.87 11.50
CA MET B 90 -3.03 33.39 11.03
C MET B 90 -3.05 31.87 10.91
N GLY B 91 -1.90 31.18 11.08
CA GLY B 91 -1.84 29.71 11.26
C GLY B 91 -1.91 28.98 9.95
N SER B 92 -2.44 27.76 9.95
CA SER B 92 -2.48 26.89 8.75
C SER B 92 -3.74 27.20 7.93
N LEU B 93 -3.63 27.10 6.61
CA LEU B 93 -4.77 27.12 5.66
C LEU B 93 -5.90 26.25 6.23
N TYR B 94 -5.55 25.08 6.77
CA TYR B 94 -6.52 24.15 7.39
C TYR B 94 -7.35 24.93 8.42
N ASP B 95 -6.66 25.62 9.34
CA ASP B 95 -7.27 26.45 10.40
C ASP B 95 -8.10 27.57 9.77
N TYR B 96 -7.51 28.29 8.82
CA TYR B 96 -8.11 29.48 8.16
C TYR B 96 -9.43 29.09 7.46
N LEU B 97 -9.49 27.94 6.80
CA LEU B 97 -10.69 27.49 6.03
C LEU B 97 -11.83 27.07 6.98
N GLN B 98 -11.54 26.80 8.26
N GLN B 98 -11.54 26.78 8.25
CA GLN B 98 -12.54 26.35 9.27
CA GLN B 98 -12.54 26.34 9.26
C GLN B 98 -13.59 27.44 9.49
C GLN B 98 -13.59 27.43 9.48
N LEU B 99 -13.15 28.66 9.82
CA LEU B 99 -14.03 29.75 10.31
C LEU B 99 -14.03 30.94 9.34
N THR B 100 -13.57 30.75 8.09
CA THR B 100 -13.52 31.81 7.05
C THR B 100 -14.14 31.28 5.75
N THR B 101 -14.96 32.10 5.11
CA THR B 101 -15.43 31.89 3.72
C THR B 101 -14.62 32.85 2.87
N LEU B 102 -14.60 32.65 1.56
CA LEU B 102 -13.73 33.40 0.61
C LEU B 102 -14.61 33.97 -0.51
N ASP B 103 -14.13 35.01 -1.18
CA ASP B 103 -14.69 35.53 -2.44
C ASP B 103 -13.71 35.13 -3.54
N THR B 104 -14.00 35.49 -4.78
CA THR B 104 -13.22 35.07 -5.98
C THR B 104 -11.75 35.48 -5.78
N VAL B 105 -11.54 36.66 -5.21
CA VAL B 105 -10.21 37.32 -5.15
C VAL B 105 -9.33 36.58 -4.13
N SER B 106 -9.86 36.34 -2.93
N SER B 106 -9.87 36.31 -2.95
CA SER B 106 -9.21 35.59 -1.83
CA SER B 106 -9.14 35.61 -1.83
C SER B 106 -8.92 34.15 -2.26
C SER B 106 -8.95 34.13 -2.15
N CYS B 107 -9.91 33.48 -2.83
CA CYS B 107 -9.81 32.07 -3.25
C CYS B 107 -8.64 31.93 -4.24
N LEU B 108 -8.63 32.74 -5.29
CA LEU B 108 -7.64 32.61 -6.39
C LEU B 108 -6.23 32.94 -5.86
N ARG B 109 -6.11 33.95 -4.99
CA ARG B 109 -4.82 34.41 -4.44
C ARG B 109 -4.20 33.27 -3.63
N ILE B 110 -4.98 32.66 -2.76
CA ILE B 110 -4.54 31.47 -1.97
C ILE B 110 -4.01 30.42 -2.96
N VAL B 111 -4.81 29.98 -3.91
CA VAL B 111 -4.52 28.77 -4.72
C VAL B 111 -3.44 29.10 -5.76
N LEU B 112 -3.39 30.34 -6.26
CA LEU B 112 -2.28 30.79 -7.15
C LEU B 112 -0.97 30.81 -6.37
N SER B 113 -0.97 31.24 -5.10
CA SER B 113 0.25 31.32 -4.26
C SER B 113 0.79 29.90 -4.02
N ILE B 114 -0.10 28.95 -3.75
CA ILE B 114 0.32 27.54 -3.46
C ILE B 114 0.90 26.95 -4.73
N ALA B 115 0.24 27.17 -5.87
CA ALA B 115 0.68 26.70 -7.22
C ALA B 115 2.07 27.28 -7.50
N SER B 116 2.27 28.54 -7.16
CA SER B 116 3.55 29.28 -7.40
C SER B 116 4.67 28.62 -6.59
N GLY B 117 4.44 28.40 -5.30
CA GLY B 117 5.40 27.73 -4.41
C GLY B 117 5.75 26.35 -4.96
N LEU B 118 4.72 25.60 -5.36
CA LEU B 118 4.92 24.19 -5.76
C LEU B 118 5.67 24.13 -7.09
N ALA B 119 5.38 25.06 -8.01
CA ALA B 119 6.10 25.20 -9.30
C ALA B 119 7.56 25.52 -8.98
N HIS B 120 7.82 26.54 -8.13
CA HIS B 120 9.18 26.88 -7.64
C HIS B 120 9.88 25.64 -7.07
N LEU B 121 9.22 24.87 -6.19
CA LEU B 121 9.84 23.65 -5.60
C LEU B 121 10.21 22.69 -6.74
N HIS B 122 9.27 22.47 -7.64
CA HIS B 122 9.34 21.45 -8.72
C HIS B 122 10.44 21.78 -9.74
N ILE B 123 10.78 23.06 -9.96
CA ILE B 123 11.58 23.53 -11.13
C ILE B 123 13.06 23.73 -10.71
N GLU B 124 13.98 23.11 -11.46
CA GLU B 124 15.44 23.25 -11.32
C GLU B 124 15.89 24.60 -11.91
N ILE B 125 16.61 25.40 -11.10
CA ILE B 125 17.30 26.67 -11.51
C ILE B 125 18.83 26.41 -11.50
N PHE B 126 19.58 27.12 -12.36
CA PHE B 126 21.03 26.90 -12.58
C PHE B 126 21.84 28.15 -12.20
N GLY B 127 23.17 28.03 -12.15
CA GLY B 127 24.09 29.08 -11.68
C GLY B 127 24.55 28.82 -10.25
N THR B 128 25.35 29.74 -9.68
CA THR B 128 25.91 29.67 -8.29
C THR B 128 24.84 30.09 -7.28
N GLN B 129 23.89 30.93 -7.71
CA GLN B 129 22.62 31.23 -6.99
C GLN B 129 21.48 30.51 -7.73
N GLY B 130 21.14 29.29 -7.30
CA GLY B 130 20.11 28.44 -7.93
C GLY B 130 19.48 27.48 -6.93
N LYS B 131 19.01 26.31 -7.41
CA LYS B 131 18.32 25.27 -6.60
C LYS B 131 18.07 24.03 -7.46
N PRO B 132 18.13 22.81 -6.91
CA PRO B 132 17.68 21.62 -7.61
C PRO B 132 16.15 21.60 -7.68
N ALA B 133 15.61 20.51 -8.24
CA ALA B 133 14.16 20.22 -8.31
C ALA B 133 13.78 19.45 -7.05
N ILE B 134 12.62 19.74 -6.48
CA ILE B 134 12.14 19.18 -5.18
C ILE B 134 10.69 18.73 -5.34
N ALA B 135 10.40 17.48 -5.01
CA ALA B 135 9.04 16.95 -4.73
C ALA B 135 8.84 16.98 -3.21
N HIS B 136 7.73 17.56 -2.77
CA HIS B 136 7.40 17.80 -1.34
C HIS B 136 6.99 16.50 -0.63
N ARG B 137 6.03 15.79 -1.22
CA ARG B 137 5.57 14.43 -0.83
C ARG B 137 4.66 14.44 0.41
N ASP B 138 4.33 15.62 0.98
CA ASP B 138 3.48 15.67 2.20
C ASP B 138 2.58 16.92 2.15
N LEU B 139 2.07 17.24 0.97
CA LEU B 139 1.15 18.40 0.78
C LEU B 139 -0.18 18.04 1.46
N LYS B 140 -0.66 18.98 2.27
CA LYS B 140 -2.00 18.99 2.89
C LYS B 140 -2.26 20.39 3.43
N SER B 141 -3.51 20.72 3.78
CA SER B 141 -3.89 22.09 4.21
C SER B 141 -3.16 22.45 5.52
N LYS B 142 -2.86 21.48 6.39
CA LYS B 142 -2.07 21.72 7.64
C LYS B 142 -0.60 22.05 7.34
N ASN B 143 -0.09 21.72 6.15
CA ASN B 143 1.32 22.01 5.74
C ASN B 143 1.37 23.26 4.88
N ILE B 144 0.30 24.05 4.89
CA ILE B 144 0.29 25.37 4.20
C ILE B 144 -0.11 26.38 5.27
N LEU B 145 0.59 27.51 5.29
CA LEU B 145 0.36 28.63 6.25
C LEU B 145 -0.13 29.86 5.49
N VAL B 146 -1.05 30.61 6.12
CA VAL B 146 -1.71 31.81 5.55
C VAL B 146 -0.94 33.04 6.03
N LYS B 147 -0.55 33.90 5.09
CA LYS B 147 0.15 35.18 5.36
C LYS B 147 -0.88 36.31 5.42
N LYS B 148 -0.51 37.47 5.97
CA LYS B 148 -1.43 38.62 6.20
C LYS B 148 -1.80 39.25 4.85
N ASN B 149 -0.90 39.24 3.86
CA ASN B 149 -1.19 39.67 2.47
C ASN B 149 -2.14 38.68 1.75
N GLY B 150 -2.73 37.70 2.46
CA GLY B 150 -3.69 36.72 1.90
C GLY B 150 -3.04 35.65 1.02
N GLN B 151 -1.74 35.72 0.75
CA GLN B 151 -0.99 34.66 0.05
C GLN B 151 -0.61 33.56 1.05
N CYS B 152 -0.19 32.41 0.55
CA CYS B 152 0.18 31.23 1.36
C CYS B 152 1.66 30.92 1.20
N CYS B 153 2.23 30.14 2.13
CA CYS B 153 3.53 29.45 1.92
C CYS B 153 3.40 27.98 2.29
N ILE B 154 4.08 27.14 1.51
CA ILE B 154 4.22 25.67 1.71
C ILE B 154 5.24 25.40 2.82
N ALA B 155 4.90 24.50 3.72
CA ALA B 155 5.76 24.13 4.87
C ALA B 155 5.97 22.62 4.90
N ASP B 156 6.98 22.23 5.70
CA ASP B 156 7.30 20.83 6.04
C ASP B 156 7.98 20.16 4.85
N LEU B 157 9.30 20.35 4.72
CA LEU B 157 10.16 19.67 3.72
C LEU B 157 10.78 18.38 4.27
N GLY B 158 10.23 17.80 5.34
CA GLY B 158 10.81 16.63 6.05
C GLY B 158 10.71 15.31 5.30
N LEU B 159 9.84 15.23 4.28
CA LEU B 159 9.73 14.05 3.39
C LEU B 159 10.17 14.44 1.98
N ALA B 160 10.59 15.70 1.79
CA ALA B 160 10.90 16.21 0.43
C ALA B 160 12.04 15.39 -0.16
N VAL B 161 12.14 15.39 -1.50
CA VAL B 161 13.14 14.62 -2.30
C VAL B 161 13.72 15.58 -3.33
N MET B 162 15.04 15.57 -3.50
CA MET B 162 15.78 16.47 -4.43
C MET B 162 16.18 15.71 -5.69
N HIS B 163 16.33 16.42 -6.81
CA HIS B 163 16.91 15.88 -8.07
C HIS B 163 17.61 17.00 -8.82
N SER B 164 18.83 16.73 -9.35
CA SER B 164 19.63 17.67 -10.17
C SER B 164 19.52 17.30 -11.66
N VAL B 172 17.98 10.69 -3.94
CA VAL B 172 16.78 9.82 -3.73
C VAL B 172 16.29 10.01 -2.29
N GLY B 173 15.17 9.35 -1.94
CA GLY B 173 14.63 9.26 -0.58
C GLY B 173 13.95 7.92 -0.41
N ASN B 174 14.66 6.95 0.16
CA ASN B 174 14.21 5.53 0.31
C ASN B 174 13.35 5.43 1.57
N ASN B 175 12.92 4.21 1.91
CA ASN B 175 12.03 3.82 3.05
C ASN B 175 10.71 3.35 2.41
N PRO B 176 9.48 3.77 2.83
CA PRO B 176 8.25 3.09 2.40
C PRO B 176 7.16 3.75 1.50
N ARG B 177 6.12 4.29 2.19
CA ARG B 177 4.75 4.74 1.78
C ARG B 177 4.41 5.90 2.73
N VAL B 178 4.81 7.11 2.37
CA VAL B 178 4.92 8.24 3.33
C VAL B 178 3.94 9.31 2.89
N GLY B 179 3.60 10.21 3.83
CA GLY B 179 2.66 11.32 3.64
C GLY B 179 1.45 11.14 4.52
N THR B 180 0.45 12.00 4.33
CA THR B 180 -0.82 11.97 5.10
C THR B 180 -1.78 11.11 4.29
N LYS B 181 -2.39 10.11 4.93
CA LYS B 181 -3.15 9.04 4.24
C LYS B 181 -4.23 9.64 3.36
N ARG B 182 -4.96 10.61 3.90
CA ARG B 182 -6.13 11.25 3.26
C ARG B 182 -5.70 11.86 1.90
N TYR B 183 -4.46 12.33 1.81
CA TYR B 183 -3.93 12.98 0.58
C TYR B 183 -3.07 12.05 -0.28
N MET B 184 -2.97 10.76 0.04
CA MET B 184 -2.07 9.86 -0.74
C MET B 184 -2.65 9.55 -2.13
N ALA B 185 -1.82 9.70 -3.15
CA ALA B 185 -2.15 9.36 -4.56
C ALA B 185 -2.41 7.86 -4.69
N PRO B 186 -3.16 7.43 -5.73
CA PRO B 186 -3.51 6.02 -5.92
C PRO B 186 -2.27 5.12 -6.06
N GLU B 187 -1.21 5.60 -6.71
CA GLU B 187 0.06 4.84 -6.92
C GLU B 187 0.81 4.69 -5.58
N VAL B 188 0.59 5.59 -4.60
CA VAL B 188 1.16 5.43 -3.22
C VAL B 188 0.34 4.38 -2.45
N LEU B 189 -0.99 4.46 -2.53
CA LEU B 189 -1.91 3.56 -1.78
C LEU B 189 -1.80 2.13 -2.31
N ASP B 190 -1.60 1.90 -3.62
CA ASP B 190 -1.48 0.53 -4.20
C ASP B 190 0.00 0.16 -4.31
N GLU B 191 0.88 1.11 -3.94
CA GLU B 191 2.36 0.95 -3.86
C GLU B 191 2.90 0.49 -5.21
N THR B 192 2.32 0.97 -6.31
CA THR B 192 2.82 0.70 -7.68
C THR B 192 3.73 1.84 -8.13
N ILE B 193 4.01 2.79 -7.24
CA ILE B 193 4.82 4.01 -7.59
C ILE B 193 6.24 3.56 -7.96
N GLN B 194 6.78 4.18 -9.02
CA GLN B 194 8.15 3.97 -9.53
C GLN B 194 9.12 4.65 -8.57
N VAL B 195 9.52 3.93 -7.50
CA VAL B 195 10.32 4.45 -6.34
C VAL B 195 11.61 5.13 -6.82
N ASP B 196 12.14 4.77 -7.99
CA ASP B 196 13.44 5.29 -8.50
C ASP B 196 13.19 6.51 -9.40
N CYS B 197 11.92 6.83 -9.67
CA CYS B 197 11.48 7.88 -10.63
C CYS B 197 11.13 9.17 -9.87
N PHE B 198 11.86 10.25 -10.13
CA PHE B 198 11.65 11.56 -9.48
C PHE B 198 10.33 12.15 -9.93
N ASP B 199 9.98 11.99 -11.21
CA ASP B 199 8.73 12.52 -11.81
C ASP B 199 7.53 11.94 -11.07
N SER B 200 7.60 10.68 -10.64
CA SER B 200 6.53 10.02 -9.84
C SER B 200 6.16 10.91 -8.65
N TYR B 201 7.15 11.55 -8.02
CA TYR B 201 7.00 12.23 -6.72
C TYR B 201 6.36 13.59 -6.98
N LYS B 202 6.78 14.24 -8.05
CA LYS B 202 6.13 15.50 -8.49
C LYS B 202 4.64 15.22 -8.76
N ARG B 203 4.31 14.05 -9.28
CA ARG B 203 2.93 13.69 -9.71
C ARG B 203 2.05 13.43 -8.48
N VAL B 204 2.65 12.89 -7.43
CA VAL B 204 2.04 12.66 -6.09
C VAL B 204 1.64 14.02 -5.51
N ASP B 205 2.51 15.02 -5.65
CA ASP B 205 2.26 16.41 -5.21
C ASP B 205 1.01 16.96 -5.91
N ILE B 206 0.91 16.81 -7.23
CA ILE B 206 -0.21 17.38 -8.05
C ILE B 206 -1.52 16.77 -7.54
N TRP B 207 -1.54 15.45 -7.35
CA TRP B 207 -2.72 14.77 -6.76
C TRP B 207 -3.15 15.54 -5.50
N ALA B 208 -2.23 15.69 -4.55
CA ALA B 208 -2.47 16.29 -3.20
C ALA B 208 -2.91 17.74 -3.38
N PHE B 209 -2.26 18.46 -4.30
CA PHE B 209 -2.60 19.87 -4.62
CA PHE B 209 -2.60 19.87 -4.62
C PHE B 209 -4.06 19.95 -5.08
N GLY B 210 -4.45 19.02 -5.94
CA GLY B 210 -5.85 18.93 -6.39
C GLY B 210 -6.81 18.86 -5.22
N LEU B 211 -6.53 18.01 -4.24
CA LEU B 211 -7.38 17.85 -3.02
C LEU B 211 -7.40 19.17 -2.26
N VAL B 212 -6.28 19.88 -2.20
CA VAL B 212 -6.22 21.19 -1.49
C VAL B 212 -7.07 22.23 -2.25
N LEU B 213 -7.03 22.24 -3.60
N LEU B 213 -7.03 22.21 -3.59
CA LEU B 213 -7.88 23.14 -4.42
CA LEU B 213 -7.84 23.13 -4.44
C LEU B 213 -9.33 22.93 -4.00
C LEU B 213 -9.32 22.92 -4.11
N TRP B 214 -9.74 21.66 -4.00
CA TRP B 214 -11.10 21.24 -3.62
C TRP B 214 -11.48 21.77 -2.23
N GLU B 215 -10.61 21.62 -1.21
CA GLU B 215 -10.87 22.09 0.19
C GLU B 215 -11.16 23.59 0.20
N VAL B 216 -10.38 24.33 -0.57
CA VAL B 216 -10.42 25.81 -0.67
C VAL B 216 -11.65 26.24 -1.49
N ALA B 217 -11.90 25.62 -2.64
CA ALA B 217 -13.00 26.04 -3.54
C ALA B 217 -14.32 25.94 -2.80
N ARG B 218 -14.45 24.94 -1.95
CA ARG B 218 -15.67 24.66 -1.16
C ARG B 218 -16.06 25.87 -0.31
N ARG B 219 -15.07 26.66 0.08
CA ARG B 219 -15.22 27.80 1.01
C ARG B 219 -15.39 29.11 0.23
N MET B 220 -15.34 29.07 -1.09
CA MET B 220 -15.60 30.28 -1.89
C MET B 220 -17.10 30.44 -2.10
N VAL B 221 -17.66 31.58 -1.72
CA VAL B 221 -19.12 31.88 -1.88
C VAL B 221 -19.36 32.17 -3.36
N SER B 222 -20.41 31.57 -3.93
CA SER B 222 -20.97 31.96 -5.26
C SER B 222 -22.49 31.93 -5.17
N ASN B 223 -23.15 32.98 -5.67
CA ASN B 223 -24.64 33.05 -5.75
C ASN B 223 -25.22 32.78 -4.35
N GLY B 224 -24.58 33.34 -3.31
CA GLY B 224 -24.99 33.24 -1.91
C GLY B 224 -24.87 31.85 -1.30
N ILE B 225 -24.08 30.95 -1.90
CA ILE B 225 -23.93 29.53 -1.45
C ILE B 225 -22.45 29.22 -1.15
N VAL B 226 -22.21 28.47 -0.08
CA VAL B 226 -20.85 27.98 0.30
C VAL B 226 -21.03 26.62 0.98
N GLU B 227 -20.08 25.70 0.80
CA GLU B 227 -20.01 24.44 1.56
C GLU B 227 -19.21 24.70 2.84
N ASP B 228 -19.51 23.98 3.90
CA ASP B 228 -18.73 24.05 5.15
C ASP B 228 -17.39 23.30 4.90
N TYR B 229 -16.43 23.48 5.80
CA TYR B 229 -15.08 22.88 5.68
C TYR B 229 -15.21 21.36 5.85
N LYS B 230 -14.66 20.59 4.90
CA LYS B 230 -14.53 19.11 5.01
C LYS B 230 -13.13 18.72 4.49
N PRO B 231 -12.46 17.73 5.10
CA PRO B 231 -11.20 17.21 4.55
C PRO B 231 -11.50 16.31 3.36
N PRO B 232 -10.52 16.06 2.47
CA PRO B 232 -10.75 15.13 1.36
C PRO B 232 -11.27 13.77 1.86
N PHE B 233 -12.31 13.26 1.20
CA PHE B 233 -12.97 11.94 1.40
C PHE B 233 -13.70 11.87 2.75
N TYR B 234 -14.05 13.01 3.35
CA TYR B 234 -14.75 13.07 4.66
C TYR B 234 -15.92 12.10 4.68
N ASP B 235 -16.59 11.95 3.53
CA ASP B 235 -17.95 11.34 3.43
C ASP B 235 -17.85 9.82 3.21
N VAL B 236 -16.70 9.34 2.71
CA VAL B 236 -16.58 7.93 2.20
C VAL B 236 -15.66 7.10 3.10
N VAL B 237 -14.87 7.67 4.00
CA VAL B 237 -13.99 6.87 4.89
C VAL B 237 -14.30 7.16 6.36
N PRO B 238 -13.99 6.21 7.27
CA PRO B 238 -14.12 6.47 8.70
C PRO B 238 -13.19 7.59 9.15
N ASN B 239 -13.54 8.23 10.28
CA ASN B 239 -12.68 9.22 10.96
C ASN B 239 -11.32 8.52 11.19
N ASP B 240 -10.24 9.28 11.11
CA ASP B 240 -8.87 8.75 11.30
C ASP B 240 -8.68 7.54 10.38
N PRO B 241 -8.82 7.71 9.06
CA PRO B 241 -8.80 6.56 8.16
C PRO B 241 -7.42 5.86 8.16
N SER B 242 -7.43 4.55 8.02
CA SER B 242 -6.22 3.72 7.83
C SER B 242 -5.78 3.78 6.36
N PHE B 243 -4.52 3.40 6.09
CA PHE B 243 -3.93 3.21 4.74
C PHE B 243 -4.88 2.35 3.90
N GLU B 244 -5.43 1.31 4.50
CA GLU B 244 -6.28 0.34 3.77
C GLU B 244 -7.60 1.03 3.42
N ASP B 245 -8.19 1.78 4.36
CA ASP B 245 -9.46 2.54 4.18
C ASP B 245 -9.36 3.44 2.92
N MET B 246 -8.26 4.19 2.80
CA MET B 246 -7.96 5.11 1.67
C MET B 246 -7.76 4.31 0.39
N ARG B 247 -6.96 3.24 0.43
CA ARG B 247 -6.74 2.34 -0.74
C ARG B 247 -8.10 1.92 -1.29
N LYS B 248 -8.99 1.46 -0.41
CA LYS B 248 -10.33 0.95 -0.83
C LYS B 248 -11.04 2.05 -1.64
N VAL B 249 -11.16 3.27 -1.10
CA VAL B 249 -12.00 4.33 -1.77
C VAL B 249 -11.27 4.84 -3.01
N VAL B 250 -9.96 5.09 -2.91
CA VAL B 250 -9.21 5.75 -4.03
C VAL B 250 -8.92 4.73 -5.12
N CYS B 251 -8.49 3.51 -4.76
CA CYS B 251 -7.92 2.52 -5.70
C CYS B 251 -8.99 1.53 -6.17
N VAL B 252 -9.76 0.98 -5.23
CA VAL B 252 -10.79 -0.05 -5.51
C VAL B 252 -12.06 0.63 -6.03
N ASP B 253 -12.61 1.63 -5.30
CA ASP B 253 -13.87 2.32 -5.66
C ASP B 253 -13.63 3.44 -6.69
N GLN B 254 -12.38 3.87 -6.93
CA GLN B 254 -12.01 4.90 -7.94
C GLN B 254 -12.75 6.21 -7.66
N GLN B 255 -12.91 6.55 -6.39
CA GLN B 255 -13.66 7.75 -5.94
C GLN B 255 -12.76 8.98 -6.01
N ARG B 256 -13.40 10.12 -6.27
CA ARG B 256 -12.78 11.47 -6.26
C ARG B 256 -13.72 12.39 -5.49
N PRO B 257 -13.22 13.46 -4.85
CA PRO B 257 -14.11 14.39 -4.16
C PRO B 257 -15.25 14.84 -5.10
N ASN B 258 -16.45 14.99 -4.54
CA ASN B 258 -17.64 15.42 -5.31
C ASN B 258 -17.51 16.90 -5.65
N ILE B 259 -17.89 17.27 -6.86
CA ILE B 259 -18.02 18.69 -7.29
C ILE B 259 -19.45 19.14 -7.01
N PRO B 260 -19.67 20.09 -6.09
CA PRO B 260 -21.01 20.64 -5.87
C PRO B 260 -21.56 21.25 -7.17
N ASN B 261 -22.82 20.95 -7.51
CA ASN B 261 -23.46 21.39 -8.78
C ASN B 261 -23.48 22.93 -8.81
N ARG B 262 -23.62 23.58 -7.65
CA ARG B 262 -23.66 25.07 -7.57
C ARG B 262 -22.40 25.69 -8.20
N TRP B 263 -21.25 25.00 -8.22
CA TRP B 263 -19.99 25.52 -8.82
C TRP B 263 -20.19 25.80 -10.31
N PHE B 264 -21.03 25.02 -10.98
CA PHE B 264 -21.16 25.08 -12.47
C PHE B 264 -21.87 26.39 -12.89
N SER B 265 -22.54 27.08 -11.96
CA SER B 265 -23.14 28.43 -12.17
C SER B 265 -22.07 29.53 -12.12
N ASP B 266 -20.90 29.24 -11.54
CA ASP B 266 -19.83 30.25 -11.34
C ASP B 266 -18.69 29.93 -12.30
N PRO B 267 -18.21 30.91 -13.11
CA PRO B 267 -17.13 30.68 -14.07
C PRO B 267 -15.81 30.29 -13.41
N THR B 268 -15.46 30.94 -12.30
CA THR B 268 -14.19 30.69 -11.57
C THR B 268 -14.21 29.25 -11.03
N LEU B 269 -15.28 28.87 -10.32
CA LEU B 269 -15.39 27.54 -9.70
C LEU B 269 -15.50 26.46 -10.78
N THR B 270 -16.12 26.78 -11.91
CA THR B 270 -16.23 25.86 -13.08
C THR B 270 -14.80 25.55 -13.58
N SER B 271 -13.96 26.59 -13.71
CA SER B 271 -12.53 26.48 -14.10
C SER B 271 -11.72 25.71 -13.05
N LEU B 272 -11.94 25.96 -11.76
CA LEU B 272 -11.21 25.27 -10.65
C LEU B 272 -11.60 23.79 -10.63
N ALA B 273 -12.88 23.47 -10.86
CA ALA B 273 -13.39 22.07 -10.89
C ALA B 273 -12.67 21.30 -12.00
N LYS B 274 -12.49 21.93 -13.17
CA LYS B 274 -11.80 21.33 -14.35
C LYS B 274 -10.33 21.10 -13.98
N LEU B 275 -9.73 22.06 -13.30
CA LEU B 275 -8.30 22.02 -12.87
C LEU B 275 -8.08 20.82 -11.92
N MET B 276 -8.95 20.68 -10.91
CA MET B 276 -8.79 19.62 -9.88
C MET B 276 -9.04 18.24 -10.52
N LYS B 277 -9.95 18.13 -11.49
CA LYS B 277 -10.18 16.86 -12.23
C LYS B 277 -8.88 16.43 -12.91
N GLU B 278 -8.10 17.41 -13.41
CA GLU B 278 -6.86 17.14 -14.19
C GLU B 278 -5.65 16.89 -13.26
N CYS B 279 -5.86 17.01 -11.95
CA CYS B 279 -4.92 16.62 -10.87
C CYS B 279 -5.20 15.19 -10.42
N TRP B 280 -6.36 14.64 -10.80
CA TRP B 280 -6.91 13.42 -10.16
C TRP B 280 -6.96 12.23 -11.11
N TYR B 281 -6.33 12.29 -12.27
CA TYR B 281 -6.29 11.12 -13.19
C TYR B 281 -5.64 9.94 -12.46
N GLN B 282 -6.13 8.70 -12.66
CA GLN B 282 -5.41 7.53 -12.10
C GLN B 282 -4.04 7.40 -12.78
N ASN B 283 -3.94 7.77 -14.05
CA ASN B 283 -2.66 7.83 -14.79
C ASN B 283 -1.86 9.05 -14.31
N PRO B 284 -0.79 8.88 -13.51
CA PRO B 284 0.02 10.00 -13.04
C PRO B 284 0.50 10.93 -14.16
N SER B 285 0.94 10.34 -15.27
CA SER B 285 1.54 11.06 -16.44
C SER B 285 0.49 11.97 -17.10
N ALA B 286 -0.80 11.61 -16.99
CA ALA B 286 -1.94 12.40 -17.52
C ALA B 286 -2.12 13.71 -16.71
N ARG B 287 -1.67 13.74 -15.45
CA ARG B 287 -1.95 14.88 -14.53
C ARG B 287 -1.21 16.09 -15.09
N LEU B 288 -1.78 17.29 -14.89
CA LEU B 288 -1.09 18.59 -15.15
C LEU B 288 0.21 18.68 -14.35
N THR B 289 1.09 19.57 -14.76
CA THR B 289 2.33 19.95 -14.04
C THR B 289 2.01 21.16 -13.17
N ALA B 290 2.79 21.37 -12.10
CA ALA B 290 2.67 22.57 -11.24
C ALA B 290 2.66 23.83 -12.11
N LEU B 291 3.52 23.86 -13.15
CA LEU B 291 3.71 25.04 -14.03
C LEU B 291 2.43 25.33 -14.83
N ARG B 292 1.81 24.30 -15.42
CA ARG B 292 0.54 24.43 -16.18
C ARG B 292 -0.52 25.01 -15.23
N ILE B 293 -0.54 24.56 -13.98
CA ILE B 293 -1.57 24.96 -12.97
C ILE B 293 -1.37 26.44 -12.63
N LYS B 294 -0.12 26.86 -12.43
CA LYS B 294 0.22 28.28 -12.16
C LYS B 294 -0.29 29.13 -13.32
N LYS B 295 -0.12 28.67 -14.56
CA LYS B 295 -0.44 29.45 -15.81
C LYS B 295 -1.96 29.51 -16.01
N THR B 296 -2.66 28.39 -15.85
CA THR B 296 -4.16 28.38 -15.92
C THR B 296 -4.71 29.32 -14.86
N LEU B 297 -4.23 29.21 -13.61
CA LEU B 297 -4.71 30.01 -12.44
C LEU B 297 -4.40 31.50 -12.70
N THR B 298 -3.30 31.77 -13.40
CA THR B 298 -2.86 33.14 -13.77
C THR B 298 -3.85 33.70 -14.80
N LYS B 299 -4.41 32.87 -15.68
CA LYS B 299 -5.39 33.28 -16.73
C LYS B 299 -6.78 33.51 -16.12
N ILE B 300 -7.16 32.82 -15.04
CA ILE B 300 -8.49 33.00 -14.37
C ILE B 300 -8.51 34.36 -13.66
N ASP B 301 -9.66 35.03 -13.66
CA ASP B 301 -9.84 36.42 -13.11
C ASP B 301 -11.33 36.67 -12.85
C10 LU8 C . -8.79 -26.99 7.69
C13 LU8 C . -9.97 -29.60 5.10
C15 LU8 C . -11.94 -31.09 4.95
C17 LU8 C . -13.49 -32.45 6.42
C20 LU8 C . -14.27 -31.74 4.22
C21 LU8 C . -13.32 -30.57 4.53
C22 LU8 C . -11.55 -29.50 6.89
C24 LU8 C . -7.37 -26.98 7.78
C26 LU8 C . -4.42 -25.89 7.37
C01 LU8 C . -3.14 -25.82 12.26
C03 LU8 C . -3.16 -25.70 9.82
C04 LU8 C . -4.55 -25.73 9.75
C05 LU8 C . -5.21 -25.86 8.53
C06 LU8 C . -6.71 -25.92 8.42
C07 LU8 C . -7.48 -24.89 8.98
C09 LU8 C . -9.50 -25.91 8.29
C11 LU8 C . -9.61 -28.07 7.00
C12 LU8 C . -9.23 -28.61 5.77
C14 LU8 C . -11.14 -30.05 5.67
C16 LU8 C . -12.10 -32.38 5.78
C19 LU8 C . -15.82 -31.95 6.12
C23 LU8 C . -10.81 -28.51 7.56
C25 LU8 C . -6.55 -28.10 7.18
C27 LU8 C . -3.02 -25.84 7.44
C29 LU8 C . -2.83 -26.15 5.06
C30 LU8 C . -2.40 -25.76 8.66
C32 LU8 C . -0.50 -24.41 8.79
N08 LU8 C . -8.84 -24.90 8.90
N18 LU8 C . -14.60 -32.48 5.44
O02 LU8 C . -2.50 -25.59 11.02
O28 LU8 C . -2.23 -25.88 6.33
O31 LU8 C . -1.06 -25.71 8.70
C1 EDO D . -7.42 -14.82 9.38
O1 EDO D . -8.20 -14.47 10.51
C2 EDO D . -7.83 -16.14 8.81
O2 EDO D . -7.61 -17.23 9.68
C1 EDO E . 0.60 -28.60 -20.95
O1 EDO E . -0.01 -29.71 -21.61
C2 EDO E . 0.96 -28.82 -19.52
O2 EDO E . 0.02 -29.51 -18.68
C1 EDO F . 19.00 -30.43 -20.34
O1 EDO F . 19.05 -30.53 -21.75
C2 EDO F . 19.10 -31.73 -19.62
O2 EDO F . 18.00 -32.61 -19.82
C1 EDO G . -1.49 -36.33 -12.01
O1 EDO G . -0.45 -35.51 -12.56
C2 EDO G . -2.64 -36.70 -12.90
O2 EDO G . -2.28 -37.26 -14.18
S DMS H . -11.16 -14.07 17.31
O DMS H . -10.00 -13.29 17.86
C1 DMS H . -12.64 -13.22 17.78
C2 DMS H . -11.18 -13.72 15.57
C10 LU8 I . -3.94 -16.62 28.42
C13 LU8 I . -2.29 -13.22 27.88
C15 LU8 I . -1.44 -11.48 29.45
C17 LU8 I . -1.54 -9.30 30.63
C20 LU8 I . 0.62 -10.32 30.40
C21 LU8 I . -0.03 -11.66 30.02
C22 LU8 I . -2.48 -13.64 30.23
C24 LU8 I . -3.35 -17.61 27.62
C26 LU8 I . -2.22 -20.51 27.12
C01 LU8 I . -5.03 -21.53 22.94
C03 LU8 I . -3.53 -21.66 24.94
C04 LU8 I . -4.13 -20.59 25.61
C05 LU8 I . -3.46 -20.00 26.70
C06 LU8 I . -4.02 -18.86 27.51
C07 LU8 I . -5.19 -19.07 28.23
C09 LU8 I . -5.11 -16.92 29.11
C11 LU8 I . -3.31 -15.28 28.63
C12 LU8 I . -2.89 -14.45 27.60
C14 LU8 I . -2.08 -12.80 29.20
C16 LU8 I . -2.27 -10.62 30.39
C19 LU8 I . 0.37 -8.21 31.61
C23 LU8 I . -3.08 -14.87 29.95
C25 LU8 I . -2.07 -17.33 26.85
C27 LU8 I . -1.61 -21.58 26.45
C29 LU8 I . 0.45 -21.30 27.75
C30 LU8 I . -2.26 -22.14 25.35
C32 LU8 I . -1.98 -24.53 25.07
N08 LU8 I . -5.70 -18.12 29.00
N18 LU8 I . -0.25 -9.52 31.29
O02 LU8 I . -4.17 -22.23 23.86
O28 LU8 I . -0.38 -22.06 26.85
O31 LU8 I . -1.65 -23.19 24.70
C10 LU8 J . -5.87 -12.52 27.08
C13 LU8 J . -5.08 -8.87 27.87
C15 LU8 J . -3.28 -7.31 26.91
C17 LU8 J . -3.36 -4.81 26.98
C20 LU8 J . -1.22 -5.99 27.39
C21 LU8 J . -2.02 -7.24 27.76
C22 LU8 J . -3.52 -9.66 26.20
C24 LU8 J . -6.18 -13.22 25.88
C26 LU8 J . -6.10 -15.80 23.97
C01 LU8 J . -11.09 -15.81 23.21
C03 LU8 J . -8.68 -16.04 23.05
C04 LU8 J . -8.45 -15.34 24.24
C05 LU8 J . -7.15 -15.20 24.69
C06 LU8 J . -6.81 -14.46 25.93
C07 LU8 J . -7.14 -15.00 27.18
C09 LU8 J . -6.25 -13.11 28.27
C11 LU8 J . -5.20 -11.18 27.10
C12 LU8 J . -5.66 -10.14 27.93
C14 LU8 J . -3.99 -8.62 27.02
C16 LU8 J . -4.14 -6.10 27.28
C19 LU8 J . -2.11 -4.44 29.08
C23 LU8 J . -4.12 -10.92 26.25
C25 LU8 J . -5.88 -12.70 24.48
C27 LU8 J . -6.34 -16.49 22.79
C29 LU8 J . -3.96 -17.06 22.40
C30 LU8 J . -7.63 -16.60 22.34
C32 LU8 J . -8.22 -18.70 21.27
N08 LU8 J . -6.84 -14.32 28.30
N18 LU8 J . -2.02 -4.76 27.63
O02 LU8 J . -9.92 -16.23 22.53
O28 LU8 J . -5.35 -17.09 22.05
O31 LU8 J . -7.89 -17.30 21.21
S SO4 K . -14.57 -18.66 8.44
O1 SO4 K . -13.57 -17.76 8.96
O2 SO4 K . -15.46 -17.89 7.62
O3 SO4 K . -13.95 -19.72 7.67
O4 SO4 K . -15.29 -19.28 9.50
S SO4 L . -9.61 -26.72 -25.85
O1 SO4 L . -9.28 -25.44 -26.39
O2 SO4 L . -10.90 -26.68 -25.26
O3 SO4 L . -8.63 -27.06 -24.86
O4 SO4 L . -9.62 -27.70 -26.89
S SO4 M . 1.19 -34.74 -6.17
O1 SO4 M . 1.50 -33.42 -6.65
O2 SO4 M . 0.76 -35.59 -7.23
O3 SO4 M . 0.15 -34.65 -5.19
O4 SO4 M . 2.35 -35.32 -5.57
C1 EDO N . 0.87 -7.24 9.46
O1 EDO N . 0.46 -8.61 9.36
C2 EDO N . 1.63 -7.05 10.71
O2 EDO N . 0.74 -6.88 11.77
C1 EDO O . -0.17 -11.87 35.03
O1 EDO O . 0.81 -10.85 35.00
C2 EDO O . 0.00 -12.82 33.91
O2 EDO O . -1.12 -13.65 33.71
C1 EDO P . -18.78 -19.76 -26.73
O1 EDO P . -18.32 -18.84 -27.72
C2 EDO P . -17.69 -20.63 -26.22
O2 EDO P . -18.02 -21.36 -25.05
C1 EDO Q . 1.07 -36.11 2.00
O1 EDO Q . 1.15 -37.52 2.20
C2 EDO Q . 2.38 -35.48 1.73
O2 EDO Q . 2.53 -34.20 2.32
C1 EDO R . -9.34 -33.50 -19.34
O1 EDO R . -8.53 -33.05 -20.41
C2 EDO R . -10.25 -32.45 -18.79
O2 EDO R . -9.90 -31.13 -19.17
C10 LU8 S . 2.30 28.29 12.70
C13 LU8 S . -0.44 29.16 15.10
C15 LU8 S . -2.68 28.24 15.62
C17 LU8 S . -4.87 29.28 16.07
C20 LU8 S . -4.56 26.88 16.58
C21 LU8 S . -3.24 26.84 15.85
C22 LU8 S . -1.15 27.25 13.83
C24 LU8 S . 3.06 27.13 12.43
C26 LU8 S . 4.53 25.08 10.57
C01 LU8 S . 9.06 25.57 12.75
C03 LU8 S . 7.13 24.83 11.47
C04 LU8 S . 6.40 25.98 11.79
C05 LU8 S . 5.08 26.10 11.35
C06 LU8 S . 4.22 27.29 11.69
C07 LU8 S . 4.62 28.56 11.31
C09 LU8 S . 2.75 29.53 12.29
C11 LU8 S . 1.02 28.25 13.44
C12 LU8 S . 0.76 29.19 14.41
C14 LU8 S . -1.42 28.20 14.82
C16 LU8 S . -3.76 29.10 15.02
C19 LU8 S . -6.06 28.17 17.91
C23 LU8 S . 0.05 27.29 13.14
C25 LU8 S . 2.62 25.73 12.87
C27 LU8 S . 5.27 23.94 10.25
C29 LU8 S . 3.40 22.74 9.25
C30 LU8 S . 6.58 23.82 10.70
C32 LU8 S . 8.22 22.80 9.27
N08 LU8 S . 3.88 29.65 11.62
N18 LU8 S . -4.81 28.22 17.13
O02 LU8 S . 8.39 24.64 11.90
O28 LU8 S . 4.79 22.94 9.46
O31 LU8 S . 7.30 22.69 10.35
S SO4 T . 2.99 37.22 7.88
O1 SO4 T . 4.25 36.92 7.23
O2 SO4 T . 2.26 38.15 7.04
O3 SO4 T . 3.19 37.79 9.19
O4 SO4 T . 2.20 36.02 8.08
C1 EDO U . -16.83 10.95 -3.35
O1 EDO U . -18.09 10.58 -2.80
C2 EDO U . -15.70 10.98 -2.38
O2 EDO U . -15.76 12.06 -1.43
S DMS V . 1.56 28.90 -22.57
O DMS V . 0.90 28.99 -21.22
C1 DMS V . 2.91 27.76 -22.39
C2 DMS V . 0.51 27.88 -23.57
C LAC W . -1.62 -3.96 3.93
CA LAC W . -0.42 -4.59 3.22
CB LAC W . -0.82 -5.34 1.95
O LAC W . -2.75 -4.40 3.76
OHN LAC W . 0.50 -3.61 2.86
OXT LAC W . -1.47 -3.01 4.73
S SO4 X . 0.00 14.02 14.36
O1 SO4 X . 1.26 14.13 13.70
O2 SO4 X . -0.66 15.30 14.33
O3 SO4 X . 0.19 13.62 15.73
O4 SO4 X . -0.81 13.04 13.69
S SO4 Y . -1.68 10.40 8.69
O1 SO4 Y . -3.03 10.50 8.20
O2 SO4 Y . -1.22 11.71 9.08
O3 SO4 Y . -0.83 9.88 7.65
O4 SO4 Y . -1.65 9.51 9.82
C1 EDO Z . 8.62 34.03 3.79
O1 EDO Z . 9.92 33.48 3.78
C2 EDO Z . 7.60 33.00 4.12
O2 EDO Z . 7.64 32.62 5.48
C1 EDO AA . -7.74 7.23 -15.46
O1 EDO AA . -6.43 7.77 -15.68
C2 EDO AA . -8.81 8.28 -15.40
O2 EDO AA . -8.99 8.81 -14.10
C1 EDO BA . -22.57 34.39 2.56
O1 EDO BA . -22.93 34.95 1.31
C2 EDO BA . -22.23 32.95 2.51
O2 EDO BA . -23.37 32.12 2.40
#